data_5SUP
#
_entry.id   5SUP
#
_cell.length_a   99.346
_cell.length_b   99.346
_cell.length_c   247.469
_cell.angle_alpha   90.00
_cell.angle_beta   90.00
_cell.angle_gamma   120.00
#
_symmetry.space_group_name_H-M   'P 31 2 1'
#
loop_
_entity.id
_entity.type
_entity.pdbx_description
1 polymer 'ATP-dependent RNA helicase SUB2'
2 polymer 'RNA annealing protein YRA1'
3 polymer "RNA (5'-R(P*UP*UP*UP*UP*UP*U)-3')"
4 non-polymer "ADENOSINE-5'-DIPHOSPHATE"
5 non-polymer 'BERYLLIUM TRIFLUORIDE ION'
6 non-polymer 'MAGNESIUM ION'
7 water water
#
loop_
_entity_poly.entity_id
_entity_poly.type
_entity_poly.pdbx_seq_one_letter_code
_entity_poly.pdbx_strand_id
1 'polypeptide(L)'
;GAMGSTGFKDFLLKPELSRAIIDCGFEHPSEVQQHTIPQSIHGTDVLCQAKSGLGKTAVFVLSTLQQLDPVPGEVAVVVI
CNARELAYQIRNEYLRFSKYMPDVKTAVFYGGTPISKDAELLKNKDTAPHIVVATPGRLKALVREKYIDLSHVKNFVIDE
CDKVLEELDMRRDVQEIFRATPRDKQVMMFSATLSQEIRPICRRFLQNPLEIFVDDEAKLTLHGLQQYYIKLEEREKNRK
LAQLLDDLEFNQVIIFVKSTTRANELTKLLNASNFPAITVHGHMKQEERIARYKAFKDFEKRICVSTDVFGRGIDIERIN
LAINYDLTNEADQYLHRVGRAGRFGTKGLAISFVSSKEDEEVLAKIQERFDVKIAEFPEEGIDPSTYLNN
;
A,B,C
2 'polypeptide(L)' GAMGSNKPKREKPAKKSLEDLDKEMADYFEKK G,H,I
3 'polyribonucleotide' UUUUUUUUUUUUUUU D,E,F
#
# COMPACT_ATOMS: atom_id res chain seq x y z
N THR A 6 15.26 14.76 1.36
CA THR A 6 15.98 15.66 2.26
C THR A 6 15.02 16.66 2.91
N GLY A 7 14.32 16.19 3.95
CA GLY A 7 13.27 17.01 4.56
C GLY A 7 13.80 18.21 5.33
N PHE A 8 15.03 18.12 5.85
CA PHE A 8 15.57 19.21 6.65
C PHE A 8 15.84 20.47 5.84
N LYS A 9 15.86 20.37 4.50
CA LYS A 9 16.18 21.55 3.71
C LYS A 9 15.05 22.56 3.72
N ASP A 10 13.85 22.11 4.10
CA ASP A 10 12.69 22.99 4.26
C ASP A 10 12.80 23.93 5.45
N PHE A 11 13.76 23.70 6.34
CA PHE A 11 14.02 24.63 7.44
C PHE A 11 14.81 25.84 6.99
N LEU A 12 15.38 25.80 5.79
CA LEU A 12 16.12 26.90 5.18
C LEU A 12 17.37 27.21 6.00
N LEU A 13 18.20 26.19 6.12
CA LEU A 13 19.43 26.21 6.90
C LEU A 13 20.61 26.46 5.97
N LYS A 14 21.75 26.74 6.58
CA LYS A 14 22.96 27.01 5.81
C LYS A 14 23.26 25.81 4.91
N PRO A 15 23.82 26.05 3.73
CA PRO A 15 24.16 24.92 2.84
C PRO A 15 25.16 23.96 3.45
N GLU A 16 26.05 24.45 4.30
CA GLU A 16 27.00 23.58 4.99
C GLU A 16 26.29 22.69 6.00
N LEU A 17 25.29 23.23 6.71
CA LEU A 17 24.49 22.41 7.62
C LEU A 17 23.73 21.33 6.88
N SER A 18 22.93 21.73 5.88
CA SER A 18 22.13 20.76 5.13
C SER A 18 23.00 19.66 4.53
N ARG A 19 24.21 20.02 4.09
CA ARG A 19 25.10 19.01 3.52
C ARG A 19 25.59 18.03 4.57
N ALA A 20 25.89 18.52 5.78
CA ALA A 20 26.32 17.61 6.85
C ALA A 20 25.17 16.75 7.33
N ILE A 21 23.95 17.31 7.35
CA ILE A 21 22.78 16.53 7.74
C ILE A 21 22.55 15.39 6.77
N ILE A 22 22.86 15.60 5.48
CA ILE A 22 22.64 14.54 4.50
C ILE A 22 23.68 13.44 4.66
N ASP A 23 24.91 13.78 5.06
CA ASP A 23 25.91 12.76 5.29
C ASP A 23 25.67 11.96 6.57
N CYS A 24 24.80 12.43 7.45
CA CYS A 24 24.46 11.71 8.67
C CYS A 24 23.27 10.78 8.50
N GLY A 25 22.84 10.52 7.26
CA GLY A 25 21.69 9.68 7.01
C GLY A 25 20.34 10.26 7.35
N PHE A 26 20.28 11.42 7.98
CA PHE A 26 18.99 12.05 8.25
C PHE A 26 18.28 12.37 6.94
N GLU A 27 16.99 12.02 6.87
CA GLU A 27 16.17 12.48 5.74
C GLU A 27 14.78 12.97 6.13
N HIS A 28 14.26 12.61 7.30
CA HIS A 28 12.95 13.11 7.70
C HIS A 28 13.04 13.59 9.15
N PRO A 29 12.61 14.82 9.44
CA PRO A 29 12.71 15.31 10.83
C PRO A 29 11.70 14.62 11.71
N SER A 30 12.10 14.32 12.95
CA SER A 30 11.16 13.77 13.91
C SER A 30 10.18 14.85 14.34
N GLU A 31 9.14 14.41 15.05
CA GLU A 31 8.08 15.35 15.44
C GLU A 31 8.58 16.41 16.42
N VAL A 32 9.52 16.05 17.29
CA VAL A 32 10.05 17.06 18.21
C VAL A 32 10.89 18.08 17.45
N GLN A 33 11.58 17.65 16.39
CA GLN A 33 12.40 18.58 15.63
C GLN A 33 11.55 19.48 14.75
N GLN A 34 10.45 18.93 14.21
CA GLN A 34 9.52 19.76 13.44
C GLN A 34 8.81 20.78 14.32
N HIS A 35 8.57 20.45 15.58
CA HIS A 35 7.85 21.34 16.48
C HIS A 35 8.76 22.32 17.21
N THR A 36 10.08 22.14 17.13
CA THR A 36 11.00 22.97 17.91
C THR A 36 12.01 23.73 17.06
N ILE A 37 12.59 23.10 16.04
CA ILE A 37 13.67 23.74 15.29
C ILE A 37 13.26 25.05 14.64
N PRO A 38 12.16 25.14 13.86
CA PRO A 38 11.88 26.39 13.14
C PRO A 38 11.79 27.62 14.03
N GLN A 39 11.16 27.48 15.20
CA GLN A 39 10.97 28.59 16.12
C GLN A 39 12.16 28.80 17.06
N SER A 40 12.99 27.78 17.28
CA SER A 40 14.25 27.94 17.99
C SER A 40 15.30 28.71 17.19
N ILE A 41 15.24 28.64 15.85
CA ILE A 41 16.21 29.35 15.02
C ILE A 41 16.15 30.85 15.26
N HIS A 42 14.97 31.36 15.64
CA HIS A 42 14.75 32.78 15.84
C HIS A 42 15.28 33.26 17.20
N GLY A 43 15.84 32.38 18.00
CA GLY A 43 16.31 32.77 19.31
C GLY A 43 15.26 32.66 20.40
N THR A 44 14.12 32.03 20.13
CA THR A 44 13.08 31.91 21.15
C THR A 44 13.47 30.87 22.18
N ASP A 45 13.21 31.17 23.45
CA ASP A 45 13.51 30.24 24.52
C ASP A 45 12.65 28.98 24.37
N VAL A 46 13.22 27.84 24.77
CA VAL A 46 12.60 26.55 24.54
C VAL A 46 12.61 25.76 25.84
N LEU A 47 11.46 25.23 26.20
CA LEU A 47 11.32 24.24 27.27
C LEU A 47 10.64 23.04 26.65
N CYS A 48 11.41 21.99 26.39
CA CYS A 48 10.99 20.91 25.51
C CYS A 48 10.96 19.58 26.24
N GLN A 49 9.90 18.82 26.00
CA GLN A 49 9.76 17.46 26.50
C GLN A 49 9.42 16.55 25.34
N ALA A 50 10.16 15.46 25.21
CA ALA A 50 9.91 14.49 24.16
C ALA A 50 10.38 13.14 24.67
N LYS A 51 9.81 12.07 24.12
CA LYS A 51 10.12 10.74 24.62
C LYS A 51 11.56 10.36 24.29
N SER A 52 12.00 9.30 24.96
CA SER A 52 13.40 8.90 24.90
C SER A 52 13.77 8.53 23.47
N GLY A 53 14.86 9.13 22.99
CA GLY A 53 15.49 8.72 21.75
C GLY A 53 14.84 9.20 20.48
N LEU A 54 13.93 10.17 20.55
CA LEU A 54 13.28 10.70 19.35
C LEU A 54 13.94 11.97 18.84
N GLY A 55 15.19 12.22 19.22
CA GLY A 55 15.99 13.25 18.59
C GLY A 55 15.92 14.64 19.18
N LYS A 56 16.10 14.77 20.50
CA LYS A 56 16.18 16.10 21.10
C LYS A 56 17.57 16.73 20.94
N THR A 57 18.62 15.92 20.77
CA THR A 57 19.96 16.48 20.61
C THR A 57 20.05 17.29 19.33
N ALA A 58 19.58 16.73 18.22
CA ALA A 58 19.63 17.43 16.93
C ALA A 58 18.85 18.73 16.97
N VAL A 59 17.91 18.89 17.91
CA VAL A 59 17.15 20.13 18.00
C VAL A 59 18.08 21.28 18.36
N PHE A 60 18.73 21.20 19.53
CA PHE A 60 19.58 22.31 19.94
C PHE A 60 20.94 22.31 19.26
N VAL A 61 21.37 21.18 18.68
CA VAL A 61 22.63 21.17 17.95
C VAL A 61 22.46 21.90 16.61
N LEU A 62 21.47 21.50 15.81
CA LEU A 62 21.25 22.17 14.53
C LEU A 62 20.79 23.61 14.72
N SER A 63 20.07 23.90 15.80
CA SER A 63 19.54 25.24 16.01
C SER A 63 20.66 26.23 16.34
N THR A 64 21.53 25.86 17.28
CA THR A 64 22.64 26.75 17.63
C THR A 64 23.64 26.88 16.49
N LEU A 65 23.87 25.80 15.73
CA LEU A 65 24.79 25.88 14.61
C LEU A 65 24.26 26.80 13.52
N GLN A 66 22.95 26.93 13.38
CA GLN A 66 22.40 27.82 12.38
C GLN A 66 22.46 29.28 12.83
N GLN A 67 22.15 29.55 14.09
CA GLN A 67 22.26 30.91 14.63
C GLN A 67 23.71 31.35 14.79
N LEU A 68 24.65 30.42 14.89
CA LEU A 68 26.03 30.77 15.18
C LEU A 68 26.67 31.50 13.99
N ASP A 69 27.26 32.65 14.27
CA ASP A 69 28.20 33.30 13.36
C ASP A 69 29.51 33.45 14.12
N PRO A 70 30.53 32.65 13.81
CA PRO A 70 31.69 32.52 14.71
C PRO A 70 32.51 33.80 14.79
N VAL A 71 32.77 34.24 16.02
CA VAL A 71 33.71 35.30 16.33
C VAL A 71 34.93 34.67 16.98
N PRO A 72 36.14 34.87 16.44
CA PRO A 72 37.31 34.12 16.94
C PRO A 72 37.58 34.37 18.42
N GLY A 73 37.83 33.29 19.15
CA GLY A 73 38.19 33.37 20.55
C GLY A 73 37.05 33.63 21.50
N GLU A 74 35.81 33.58 21.02
CA GLU A 74 34.64 34.02 21.78
C GLU A 74 33.66 32.86 21.90
N VAL A 75 33.34 32.48 23.13
CA VAL A 75 32.38 31.41 23.37
C VAL A 75 30.99 31.97 23.18
N ALA A 76 30.23 31.39 22.25
CA ALA A 76 28.86 31.82 21.99
C ALA A 76 27.81 30.86 22.50
N VAL A 77 28.11 29.56 22.55
CA VAL A 77 27.13 28.54 22.91
C VAL A 77 27.67 27.70 24.05
N VAL A 78 26.83 27.43 25.04
CA VAL A 78 27.17 26.61 26.19
C VAL A 78 26.08 25.56 26.38
N VAL A 79 26.49 24.30 26.51
CA VAL A 79 25.56 23.19 26.72
C VAL A 79 25.96 22.46 28.00
N ILE A 80 24.97 22.20 28.86
CA ILE A 80 25.20 21.54 30.14
C ILE A 80 24.43 20.23 30.16
N CYS A 81 25.10 19.15 30.58
CA CYS A 81 24.46 17.87 30.81
C CYS A 81 24.79 17.37 32.21
N ASN A 82 24.41 16.14 32.55
CA ASN A 82 24.63 15.61 33.88
C ASN A 82 25.79 14.61 33.99
N ALA A 83 26.26 14.05 32.88
CA ALA A 83 27.29 13.02 32.92
C ALA A 83 28.41 13.34 31.95
N ARG A 84 29.61 12.83 32.26
CA ARG A 84 30.79 13.17 31.48
C ARG A 84 30.71 12.55 30.09
N GLU A 85 30.35 11.27 30.00
CA GLU A 85 30.30 10.61 28.70
C GLU A 85 29.18 11.18 27.83
N LEU A 86 28.09 11.64 28.44
CA LEU A 86 27.04 12.30 27.68
C LEU A 86 27.54 13.59 27.07
N ALA A 87 28.35 14.35 27.82
CA ALA A 87 28.95 15.56 27.26
C ALA A 87 29.87 15.21 26.10
N TYR A 88 30.65 14.14 26.24
CA TYR A 88 31.49 13.68 25.15
C TYR A 88 30.64 13.30 23.94
N GLN A 89 29.50 12.65 24.18
CA GLN A 89 28.61 12.26 23.09
C GLN A 89 28.01 13.50 22.41
N ILE A 90 27.58 14.49 23.19
CA ILE A 90 26.96 15.67 22.62
C ILE A 90 27.98 16.47 21.80
N ARG A 91 29.21 16.58 22.29
CA ARG A 91 30.24 17.30 21.54
C ARG A 91 30.54 16.59 20.24
N ASN A 92 30.48 15.26 20.22
CA ASN A 92 30.69 14.52 18.98
C ASN A 92 29.56 14.75 17.99
N GLU A 93 28.36 15.05 18.47
CA GLU A 93 27.28 15.42 17.56
C GLU A 93 27.51 16.80 16.97
N TYR A 94 28.06 17.73 17.77
CA TYR A 94 28.44 19.03 17.23
C TYR A 94 29.50 18.88 16.15
N LEU A 95 30.44 17.95 16.34
CA LEU A 95 31.49 17.73 15.36
C LEU A 95 30.92 17.21 14.03
N ARG A 96 29.92 16.33 14.10
CA ARG A 96 29.42 15.71 12.88
C ARG A 96 28.54 16.65 12.06
N PHE A 97 27.86 17.58 12.71
CA PHE A 97 27.03 18.55 11.98
C PHE A 97 27.78 19.81 11.59
N SER A 98 28.87 20.15 12.29
CA SER A 98 29.79 21.20 11.86
C SER A 98 30.88 20.65 10.94
N LYS A 99 30.60 19.52 10.28
CA LYS A 99 31.59 18.87 9.42
C LYS A 99 32.11 19.81 8.34
N TYR A 100 31.22 20.56 7.70
CA TYR A 100 31.57 21.44 6.60
C TYR A 100 31.59 22.92 7.01
N MET A 101 31.74 23.21 8.30
CA MET A 101 31.90 24.57 8.80
C MET A 101 33.29 24.71 9.40
N PRO A 102 34.31 25.01 8.60
CA PRO A 102 35.68 25.02 9.13
C PRO A 102 35.92 26.08 10.18
N ASP A 103 35.18 27.19 10.15
CA ASP A 103 35.39 28.25 11.13
C ASP A 103 34.97 27.82 12.53
N VAL A 104 34.00 26.90 12.64
CA VAL A 104 33.48 26.51 13.94
C VAL A 104 34.48 25.62 14.67
N LYS A 105 34.70 25.91 15.95
CA LYS A 105 35.54 25.10 16.83
C LYS A 105 34.76 24.79 18.10
N THR A 106 34.84 23.53 18.54
CA THR A 106 34.10 23.06 19.71
C THR A 106 35.04 22.38 20.69
N ALA A 107 34.65 22.41 21.97
CA ALA A 107 35.39 21.76 23.02
C ALA A 107 34.43 21.21 24.06
N VAL A 108 34.87 20.18 24.78
CA VAL A 108 34.11 19.59 25.87
C VAL A 108 34.99 19.54 27.11
N PHE A 109 34.39 19.76 28.28
CA PHE A 109 35.12 19.81 29.54
C PHE A 109 34.39 19.04 30.62
N TYR A 110 35.14 18.22 31.37
CA TYR A 110 34.57 17.46 32.47
C TYR A 110 35.67 17.13 33.45
N GLY A 111 35.27 16.61 34.62
CA GLY A 111 36.22 16.27 35.65
C GLY A 111 37.07 15.07 35.26
N GLY A 112 38.08 14.79 36.09
CA GLY A 112 38.98 13.68 35.87
C GLY A 112 40.21 14.01 35.08
N THR A 113 40.29 15.22 34.50
CA THR A 113 41.44 15.68 33.72
C THR A 113 42.04 16.92 34.37
N PRO A 114 43.34 17.14 34.20
CA PRO A 114 43.94 18.36 34.75
C PRO A 114 43.31 19.62 34.18
N ILE A 115 42.91 20.53 35.08
CA ILE A 115 42.24 21.74 34.64
C ILE A 115 43.20 22.71 33.96
N SER A 116 44.51 22.57 34.21
CA SER A 116 45.48 23.43 33.55
C SER A 116 45.50 23.22 32.06
N LYS A 117 45.27 21.98 31.62
CA LYS A 117 45.26 21.67 30.20
C LYS A 117 44.01 22.25 29.52
N ASP A 118 42.88 22.30 30.23
CA ASP A 118 41.71 22.98 29.68
C ASP A 118 41.99 24.46 29.52
N ALA A 119 42.73 25.05 30.46
CA ALA A 119 43.11 26.45 30.35
C ALA A 119 43.97 26.71 29.12
N GLU A 120 44.95 25.83 28.87
CA GLU A 120 45.80 25.99 27.70
C GLU A 120 44.99 25.80 26.40
N LEU A 121 44.09 24.82 26.40
CA LEU A 121 43.24 24.60 25.23
C LEU A 121 42.33 25.78 24.97
N LEU A 122 41.93 26.49 26.02
CA LEU A 122 41.05 27.65 25.86
C LEU A 122 41.79 28.86 25.28
N LYS A 123 43.09 29.00 25.57
CA LYS A 123 43.83 30.15 25.05
C LYS A 123 44.36 29.94 23.63
N ASN A 124 44.53 28.68 23.21
CA ASN A 124 45.17 28.43 21.93
C ASN A 124 44.28 28.87 20.78
N LYS A 125 44.88 29.53 19.79
CA LYS A 125 44.09 30.05 18.68
C LYS A 125 43.57 28.96 17.76
N ASP A 126 44.15 27.76 17.79
CA ASP A 126 43.59 26.66 17.02
C ASP A 126 42.46 25.94 17.74
N THR A 127 42.37 26.07 19.06
CA THR A 127 41.38 25.32 19.83
C THR A 127 40.41 26.20 20.62
N ALA A 128 40.57 27.52 20.59
CA ALA A 128 39.64 28.42 21.27
C ALA A 128 38.23 28.17 20.76
N PRO A 129 37.34 27.63 21.60
CA PRO A 129 36.04 27.15 21.10
C PRO A 129 34.97 28.22 21.04
N HIS A 130 34.14 28.12 20.00
CA HIS A 130 32.90 28.89 19.93
C HIS A 130 31.74 28.18 20.62
N ILE A 131 31.82 26.87 20.79
CA ILE A 131 30.77 26.06 21.40
C ILE A 131 31.41 25.20 22.48
N VAL A 132 30.87 25.27 23.69
CA VAL A 132 31.43 24.56 24.84
C VAL A 132 30.36 23.64 25.41
N VAL A 133 30.65 22.34 25.44
CA VAL A 133 29.84 21.35 26.13
C VAL A 133 30.57 20.95 27.40
N ALA A 134 29.84 20.79 28.50
CA ALA A 134 30.50 20.52 29.76
C ALA A 134 29.50 19.97 30.78
N THR A 135 30.06 19.37 31.84
CA THR A 135 29.38 19.03 33.08
C THR A 135 29.46 20.22 34.03
N PRO A 136 28.47 20.40 34.91
CA PRO A 136 28.42 21.63 35.71
C PRO A 136 29.62 21.85 36.61
N GLY A 137 30.23 20.78 37.13
CA GLY A 137 31.31 20.95 38.09
C GLY A 137 32.54 21.59 37.49
N ARG A 138 33.03 21.06 36.36
CA ARG A 138 34.27 21.56 35.79
C ARG A 138 34.07 22.92 35.13
N LEU A 139 32.92 23.12 34.47
CA LEU A 139 32.69 24.41 33.81
C LEU A 139 32.60 25.53 34.83
N LYS A 140 32.03 25.26 36.00
CA LYS A 140 32.06 26.23 37.09
C LYS A 140 33.48 26.49 37.56
N ALA A 141 34.31 25.44 37.63
CA ALA A 141 35.70 25.62 38.00
C ALA A 141 36.51 26.34 36.91
N LEU A 142 35.96 26.45 35.71
CA LEU A 142 36.58 27.25 34.66
C LEU A 142 36.11 28.69 34.68
N VAL A 143 34.86 28.92 35.06
CA VAL A 143 34.35 30.28 35.14
C VAL A 143 34.94 31.03 36.32
N ARG A 144 35.07 30.35 37.46
CA ARG A 144 35.46 30.99 38.70
C ARG A 144 36.96 31.23 38.77
N GLU A 145 37.77 30.43 38.06
CA GLU A 145 39.19 30.69 37.89
C GLU A 145 39.50 31.44 36.60
N LYS A 146 38.46 31.97 35.93
CA LYS A 146 38.57 32.82 34.75
C LYS A 146 39.51 32.23 33.70
N TYR A 147 39.45 30.91 33.55
CA TYR A 147 40.03 30.25 32.38
C TYR A 147 39.16 30.38 31.15
N ILE A 148 37.87 30.67 31.33
CA ILE A 148 36.93 30.84 30.22
C ILE A 148 36.19 32.13 30.42
N ASP A 149 35.78 32.75 29.31
CA ASP A 149 35.01 33.99 29.34
C ASP A 149 33.64 33.70 28.75
N LEU A 150 32.59 33.92 29.54
CA LEU A 150 31.21 33.69 29.09
C LEU A 150 30.40 34.98 29.04
N SER A 151 31.07 36.13 28.85
CA SER A 151 30.41 37.42 28.71
C SER A 151 29.75 37.62 27.36
N HIS A 152 29.82 36.65 26.45
CA HIS A 152 29.30 36.80 25.11
C HIS A 152 28.38 35.66 24.71
N VAL A 153 27.96 34.82 25.67
CA VAL A 153 27.12 33.68 25.33
C VAL A 153 25.78 34.17 24.83
N LYS A 154 25.36 33.65 23.67
CA LYS A 154 24.05 33.95 23.11
C LYS A 154 23.09 32.78 23.19
N ASN A 155 23.60 31.56 23.37
CA ASN A 155 22.79 30.35 23.46
C ASN A 155 23.22 29.57 24.68
N PHE A 156 22.28 29.31 25.58
CA PHE A 156 22.53 28.54 26.80
C PHE A 156 21.60 27.34 26.80
N VAL A 157 22.18 26.13 26.77
CA VAL A 157 21.41 24.91 26.66
C VAL A 157 21.67 24.06 27.90
N ILE A 158 20.60 23.52 28.48
CA ILE A 158 20.69 22.56 29.58
C ILE A 158 19.98 21.30 29.14
N ASP A 159 20.75 20.24 28.89
CA ASP A 159 20.18 18.95 28.54
C ASP A 159 19.99 18.12 29.82
N GLU A 160 18.96 17.28 29.82
CA GLU A 160 18.52 16.57 31.02
C GLU A 160 18.30 17.56 32.17
N CYS A 161 17.55 18.63 31.86
CA CYS A 161 17.44 19.76 32.77
C CYS A 161 16.75 19.39 34.08
N ASP A 162 15.86 18.40 34.06
CA ASP A 162 15.17 18.01 35.28
C ASP A 162 16.14 17.41 36.29
N LYS A 163 17.14 16.66 35.83
CA LYS A 163 18.14 16.12 36.73
C LYS A 163 19.16 17.18 37.12
N VAL A 164 19.50 18.07 36.19
CA VAL A 164 20.50 19.10 36.47
C VAL A 164 19.99 20.07 37.53
N LEU A 165 18.69 20.37 37.52
CA LEU A 165 18.14 21.38 38.41
C LEU A 165 17.54 20.80 39.69
N GLU A 166 17.29 19.50 39.79
CA GLU A 166 16.83 18.96 41.07
C GLU A 166 17.98 18.57 41.98
N GLU A 167 19.09 18.09 41.43
CA GLU A 167 20.30 17.91 42.21
C GLU A 167 20.90 19.29 42.50
N LEU A 168 21.12 19.58 43.77
CA LEU A 168 21.31 20.97 44.16
C LEU A 168 22.76 21.41 44.02
N ASP A 169 23.71 20.48 44.05
CA ASP A 169 25.09 20.87 43.75
C ASP A 169 25.25 21.24 42.28
N MET A 170 24.54 20.52 41.40
CA MET A 170 24.55 20.89 39.99
C MET A 170 23.78 22.19 39.74
N ARG A 171 22.72 22.46 40.52
CA ARG A 171 21.99 23.71 40.33
C ARG A 171 22.83 24.93 40.72
N ARG A 172 23.55 24.85 41.84
CA ARG A 172 24.43 25.95 42.23
C ARG A 172 25.48 26.23 41.17
N ASP A 173 26.12 25.18 40.65
CA ASP A 173 27.15 25.39 39.64
C ASP A 173 26.53 25.97 38.38
N VAL A 174 25.41 25.41 37.93
CA VAL A 174 24.76 25.88 36.72
C VAL A 174 24.31 27.33 36.87
N GLN A 175 23.84 27.71 38.06
CA GLN A 175 23.42 29.09 38.27
C GLN A 175 24.63 30.03 38.40
N GLU A 176 25.75 29.53 38.89
CA GLU A 176 26.97 30.34 38.86
C GLU A 176 27.45 30.55 37.44
N ILE A 177 27.37 29.51 36.60
CA ILE A 177 27.69 29.66 35.18
C ILE A 177 26.65 30.54 34.49
N PHE A 178 25.38 30.41 34.86
CA PHE A 178 24.31 31.17 34.22
C PHE A 178 24.40 32.67 34.52
N ARG A 179 25.10 33.05 35.60
CA ARG A 179 25.25 34.45 35.96
C ARG A 179 26.50 35.09 35.39
N ALA A 180 27.36 34.32 34.70
CA ALA A 180 28.47 34.88 33.96
C ALA A 180 28.12 35.18 32.51
N THR A 181 26.90 34.89 32.09
CA THR A 181 26.42 35.06 30.73
C THR A 181 25.54 36.29 30.62
N PRO A 182 25.42 36.87 29.42
CA PRO A 182 24.46 37.94 29.23
C PRO A 182 23.06 37.44 29.52
N ARG A 183 22.26 38.34 30.06
CA ARG A 183 20.88 38.05 30.40
C ARG A 183 20.00 37.98 29.17
N ASP A 184 20.36 38.69 28.11
CA ASP A 184 19.58 38.70 26.87
C ASP A 184 20.14 37.66 25.88
N LYS A 185 20.09 36.40 26.34
CA LYS A 185 20.46 35.24 25.54
C LYS A 185 19.27 34.29 25.40
N GLN A 186 19.40 33.37 24.44
CA GLN A 186 18.44 32.29 24.28
C GLN A 186 18.77 31.16 25.25
N VAL A 187 17.76 30.63 25.93
CA VAL A 187 17.93 29.51 26.85
C VAL A 187 17.01 28.38 26.40
N MET A 188 17.56 27.17 26.32
CA MET A 188 16.81 25.99 25.89
C MET A 188 17.06 24.85 26.87
N MET A 189 16.00 24.11 27.17
CA MET A 189 16.06 22.99 28.12
C MET A 189 15.33 21.78 27.55
N PHE A 190 15.92 20.61 27.76
CA PHE A 190 15.39 19.37 27.20
C PHE A 190 15.44 18.26 28.24
N SER A 191 14.41 17.41 28.23
CA SER A 191 14.35 16.24 29.07
C SER A 191 13.15 15.39 28.64
N ALA A 192 13.29 14.08 28.78
CA ALA A 192 12.16 13.18 28.55
C ALA A 192 11.17 13.21 29.70
N THR A 193 11.59 13.71 30.87
CA THR A 193 10.75 13.75 32.06
C THR A 193 10.80 15.17 32.58
N LEU A 194 9.67 15.87 32.50
CA LEU A 194 9.54 17.20 33.07
C LEU A 194 8.26 17.18 33.90
N SER A 195 8.38 16.73 35.15
CA SER A 195 7.23 16.64 36.04
C SER A 195 6.72 18.04 36.39
N GLN A 196 5.51 18.06 36.96
CA GLN A 196 4.87 19.31 37.34
C GLN A 196 5.66 20.04 38.42
N GLU A 197 6.48 19.31 39.19
CA GLU A 197 7.24 19.88 40.29
C GLU A 197 8.54 20.55 39.85
N ILE A 198 9.08 20.23 38.68
CA ILE A 198 10.34 20.81 38.23
C ILE A 198 10.13 21.96 37.26
N ARG A 199 8.99 22.03 36.58
CA ARG A 199 8.75 23.07 35.58
C ARG A 199 8.81 24.49 36.15
N PRO A 200 8.24 24.81 37.32
CA PRO A 200 8.43 26.16 37.86
C PRO A 200 9.88 26.52 38.08
N ILE A 201 10.70 25.56 38.52
CA ILE A 201 12.12 25.81 38.69
C ILE A 201 12.78 26.11 37.35
N CYS A 202 12.34 25.43 36.29
CA CYS A 202 12.89 25.67 34.95
C CYS A 202 12.57 27.09 34.47
N ARG A 203 11.31 27.50 34.63
CA ARG A 203 10.82 28.78 34.10
C ARG A 203 11.59 29.98 34.62
N ARG A 204 12.30 29.85 35.74
CA ARG A 204 13.06 30.97 36.27
C ARG A 204 14.30 31.27 35.45
N PHE A 205 14.57 30.46 34.42
CA PHE A 205 15.63 30.72 33.47
C PHE A 205 15.12 31.11 32.09
N LEU A 206 13.84 30.93 31.80
CA LEU A 206 13.28 31.28 30.49
C LEU A 206 12.51 32.59 30.56
N GLN A 207 12.26 33.15 29.38
CA GLN A 207 11.49 34.38 29.21
C GLN A 207 10.57 34.17 28.02
N ASN A 208 9.27 34.06 28.29
CA ASN A 208 8.25 33.73 27.30
C ASN A 208 8.70 32.58 26.40
N PRO A 209 8.88 31.38 26.96
CA PRO A 209 9.44 30.28 26.18
C PRO A 209 8.38 29.51 25.41
N LEU A 210 8.83 28.90 24.32
CA LEU A 210 8.03 27.89 23.63
C LEU A 210 8.10 26.60 24.45
N GLU A 211 6.96 26.12 24.90
CA GLU A 211 6.88 24.99 25.82
C GLU A 211 6.22 23.82 25.13
N ILE A 212 6.96 22.74 24.96
CA ILE A 212 6.47 21.51 24.34
C ILE A 212 6.46 20.43 25.42
N PHE A 213 5.27 19.94 25.76
CA PHE A 213 5.09 19.00 26.84
C PHE A 213 4.41 17.73 26.37
N VAL A 214 4.63 16.67 27.14
CA VAL A 214 3.82 15.46 27.04
C VAL A 214 3.13 15.33 28.38
N ASP A 215 2.01 16.05 28.55
CA ASP A 215 1.32 16.07 29.83
C ASP A 215 0.50 14.80 30.05
N ASP A 216 -0.04 14.21 28.99
CA ASP A 216 -0.63 12.88 29.10
C ASP A 216 0.56 11.94 28.99
N GLU A 217 1.18 11.68 30.15
CA GLU A 217 2.44 10.95 30.19
C GLU A 217 2.30 9.49 29.80
N ALA A 218 1.12 9.05 29.37
CA ALA A 218 0.98 7.68 28.85
C ALA A 218 1.77 7.41 27.57
N LYS A 219 2.01 8.40 26.72
CA LYS A 219 3.01 8.27 25.68
C LYS A 219 4.31 9.02 25.98
N LEU A 220 4.85 8.79 27.18
CA LEU A 220 6.29 8.88 27.37
C LEU A 220 6.87 7.49 27.29
N THR A 221 6.03 6.47 27.10
CA THR A 221 6.51 5.11 26.89
C THR A 221 6.60 4.81 25.40
N LEU A 222 7.74 4.27 25.00
CA LEU A 222 7.95 3.87 23.61
C LEU A 222 7.17 2.59 23.31
N HIS A 223 6.30 2.66 22.31
CA HIS A 223 5.46 1.51 21.99
C HIS A 223 6.25 0.31 21.52
N GLY A 224 7.42 0.52 20.98
CA GLY A 224 8.26 -0.57 20.56
C GLY A 224 9.09 -1.17 21.65
N LEU A 225 8.90 -0.76 22.90
CA LEU A 225 9.68 -1.24 24.03
C LEU A 225 8.84 -2.22 24.84
N GLN A 226 9.25 -3.49 24.87
CA GLN A 226 8.58 -4.49 25.67
C GLN A 226 9.18 -4.49 27.08
N GLN A 227 8.33 -4.35 28.10
CA GLN A 227 8.78 -4.22 29.47
C GLN A 227 8.26 -5.38 30.30
N TYR A 228 9.17 -6.04 31.02
CA TYR A 228 8.85 -7.14 31.91
C TYR A 228 9.58 -6.95 33.23
N TYR A 229 9.16 -7.70 34.24
CA TYR A 229 9.85 -7.74 35.53
C TYR A 229 9.93 -9.18 35.99
N ILE A 230 10.92 -9.44 36.83
CA ILE A 230 11.14 -10.76 37.41
C ILE A 230 11.25 -10.58 38.92
N LYS A 231 10.39 -11.26 39.66
CA LYS A 231 10.38 -11.21 41.12
C LYS A 231 11.22 -12.37 41.64
N LEU A 232 12.36 -12.05 42.25
CA LEU A 232 13.35 -13.02 42.65
C LEU A 232 14.04 -12.51 43.90
N GLU A 233 14.97 -13.30 44.40
CA GLU A 233 15.72 -12.97 45.60
C GLU A 233 17.13 -12.58 45.16
N GLU A 234 17.86 -11.86 46.01
CA GLU A 234 19.17 -11.30 45.62
C GLU A 234 20.19 -12.37 45.23
N ARG A 235 20.15 -13.52 45.90
CA ARG A 235 21.07 -14.64 45.65
C ARG A 235 20.77 -15.32 44.33
N GLU A 236 19.62 -15.05 43.72
CA GLU A 236 19.22 -15.67 42.46
C GLU A 236 19.46 -14.80 41.24
N LYS A 237 19.93 -13.56 41.44
CA LYS A 237 20.11 -12.63 40.33
C LYS A 237 21.22 -13.07 39.40
N ASN A 238 22.34 -13.55 39.94
CA ASN A 238 23.49 -13.90 39.10
C ASN A 238 23.15 -15.04 38.15
N ARG A 239 22.53 -16.11 38.67
CA ARG A 239 22.22 -17.25 37.81
C ARG A 239 21.10 -16.92 36.84
N LYS A 240 20.15 -16.08 37.24
CA LYS A 240 19.04 -15.76 36.34
C LYS A 240 19.51 -14.83 35.23
N LEU A 241 20.39 -13.88 35.54
CA LEU A 241 20.93 -13.00 34.52
C LEU A 241 21.75 -13.77 33.49
N ALA A 242 22.61 -14.69 33.97
CA ALA A 242 23.43 -15.48 33.05
C ALA A 242 22.56 -16.30 32.12
N GLN A 243 21.45 -16.83 32.63
CA GLN A 243 20.51 -17.56 31.80
C GLN A 243 19.81 -16.64 30.82
N LEU A 244 19.42 -15.45 31.28
CA LEU A 244 18.77 -14.49 30.40
C LEU A 244 19.67 -14.11 29.23
N LEU A 245 20.95 -13.87 29.50
CA LEU A 245 21.88 -13.50 28.43
C LEU A 245 22.20 -14.67 27.51
N ASP A 246 21.97 -15.90 27.94
CA ASP A 246 22.18 -17.06 27.06
C ASP A 246 20.98 -17.37 26.20
N ASP A 247 19.77 -17.05 26.66
CA ASP A 247 18.54 -17.40 25.95
C ASP A 247 18.03 -16.24 25.09
N LEU A 248 17.95 -15.04 25.65
CA LEU A 248 17.49 -13.89 24.87
C LEU A 248 18.47 -13.60 23.74
N GLU A 249 17.92 -13.10 22.63
CA GLU A 249 18.73 -12.75 21.46
C GLU A 249 18.79 -11.22 21.37
N PHE A 250 19.92 -10.66 21.81
CA PHE A 250 20.13 -9.23 21.84
C PHE A 250 21.35 -8.86 21.00
N ASN A 251 21.38 -7.61 20.55
CA ASN A 251 22.56 -7.09 19.88
C ASN A 251 23.58 -6.60 20.90
N GLN A 252 23.20 -5.62 21.71
CA GLN A 252 24.00 -5.18 22.85
C GLN A 252 23.06 -4.97 24.03
N VAL A 253 23.58 -5.16 25.23
CA VAL A 253 22.79 -5.07 26.46
C VAL A 253 23.47 -4.12 27.43
N ILE A 254 22.66 -3.32 28.12
CA ILE A 254 23.12 -2.47 29.21
C ILE A 254 22.47 -2.97 30.50
N ILE A 255 23.26 -3.10 31.54
CA ILE A 255 22.81 -3.65 32.82
C ILE A 255 23.06 -2.59 33.89
N PHE A 256 22.00 -2.11 34.52
CA PHE A 256 22.09 -1.00 35.47
C PHE A 256 22.16 -1.55 36.89
N VAL A 257 23.12 -1.03 37.65
CA VAL A 257 23.35 -1.42 39.03
C VAL A 257 23.31 -0.16 39.91
N LYS A 258 23.02 -0.36 41.19
CA LYS A 258 22.81 0.74 42.13
C LYS A 258 24.08 1.21 42.82
N SER A 259 25.22 0.55 42.61
CA SER A 259 26.46 0.96 43.24
C SER A 259 27.65 0.60 42.36
N THR A 260 28.80 1.19 42.67
CA THR A 260 30.00 0.93 41.89
C THR A 260 30.64 -0.41 42.27
N THR A 261 30.60 -0.77 43.56
CA THR A 261 31.14 -2.06 43.98
C THR A 261 30.39 -3.21 43.31
N ARG A 262 29.06 -3.09 43.21
CA ARG A 262 28.30 -4.15 42.56
C ARG A 262 28.52 -4.17 41.05
N ALA A 263 28.88 -3.02 40.47
CA ALA A 263 29.20 -2.99 39.04
C ALA A 263 30.49 -3.74 38.74
N ASN A 264 31.56 -3.49 39.52
CA ASN A 264 32.84 -4.14 39.25
C ASN A 264 32.79 -5.63 39.56
N GLU A 265 32.06 -6.02 40.62
CA GLU A 265 32.01 -7.43 40.98
C GLU A 265 31.15 -8.21 40.00
N LEU A 266 30.06 -7.62 39.52
CA LEU A 266 29.23 -8.29 38.52
C LEU A 266 29.96 -8.42 37.19
N THR A 267 30.67 -7.37 36.78
CA THR A 267 31.41 -7.42 35.52
C THR A 267 32.52 -8.46 35.58
N LYS A 268 33.14 -8.62 36.75
CA LYS A 268 34.21 -9.59 36.92
C LYS A 268 33.68 -11.01 36.79
N LEU A 269 32.46 -11.25 37.31
CA LEU A 269 31.85 -12.58 37.19
C LEU A 269 31.36 -12.86 35.78
N LEU A 270 30.94 -11.81 35.05
CA LEU A 270 30.54 -11.99 33.66
C LEU A 270 31.71 -12.39 32.79
N ASN A 271 32.85 -11.73 32.95
CA ASN A 271 34.03 -12.07 32.17
C ASN A 271 34.55 -13.46 32.52
N ALA A 272 34.34 -13.90 33.76
CA ALA A 272 34.80 -15.23 34.16
C ALA A 272 33.92 -16.33 33.56
N SER A 273 32.65 -16.03 33.29
CA SER A 273 31.69 -17.01 32.78
C SER A 273 31.48 -16.91 31.27
N ASN A 274 32.50 -16.47 30.52
CA ASN A 274 32.41 -16.33 29.07
C ASN A 274 31.27 -15.40 28.67
N PHE A 275 31.09 -14.32 29.43
CA PHE A 275 30.23 -13.20 29.06
C PHE A 275 31.09 -11.95 29.03
N PRO A 276 31.78 -11.67 27.93
CA PRO A 276 32.67 -10.51 27.87
C PRO A 276 31.92 -9.21 28.09
N ALA A 277 32.32 -8.47 29.13
CA ALA A 277 31.62 -7.26 29.52
C ALA A 277 32.63 -6.21 29.98
N ILE A 278 32.19 -4.95 29.92
CA ILE A 278 32.94 -3.82 30.47
C ILE A 278 32.05 -3.09 31.46
N THR A 279 32.65 -2.20 32.26
CA THR A 279 31.91 -1.43 33.24
C THR A 279 32.37 0.01 33.26
N VAL A 280 31.42 0.93 33.42
CA VAL A 280 31.68 2.36 33.52
C VAL A 280 30.90 2.91 34.71
N HIS A 281 31.58 3.69 35.55
CA HIS A 281 30.97 4.28 36.73
C HIS A 281 31.92 5.33 37.30
N GLY A 282 31.51 5.97 38.38
CA GLY A 282 32.41 6.80 39.15
C GLY A 282 33.49 5.97 39.82
N HIS A 283 34.28 6.64 40.68
CA HIS A 283 35.39 5.99 41.38
C HIS A 283 36.43 5.41 40.42
N MET A 284 36.41 5.84 39.16
CA MET A 284 37.31 5.31 38.14
C MET A 284 38.03 6.45 37.44
N LYS A 285 39.29 6.20 37.09
CA LYS A 285 40.04 7.18 36.32
C LYS A 285 39.33 7.46 35.00
N GLN A 286 39.25 8.75 34.64
CA GLN A 286 38.48 9.10 33.45
C GLN A 286 39.15 8.60 32.18
N GLU A 287 40.48 8.45 32.20
CA GLU A 287 41.17 7.78 31.10
C GLU A 287 40.58 6.40 30.88
N GLU A 288 40.18 5.74 31.96
CA GLU A 288 39.63 4.39 31.86
C GLU A 288 38.14 4.41 31.54
N ARG A 289 37.41 5.36 32.13
CA ARG A 289 35.98 5.48 31.84
C ARG A 289 35.72 5.68 30.35
N ILE A 290 36.51 6.53 29.71
CA ILE A 290 36.32 6.83 28.29
C ILE A 290 36.77 5.66 27.43
N ALA A 291 37.87 5.01 27.81
CA ALA A 291 38.40 3.90 27.02
C ALA A 291 37.38 2.77 26.89
N ARG A 292 36.66 2.49 27.98
CA ARG A 292 35.64 1.45 27.94
C ARG A 292 34.37 1.93 27.28
N TYR A 293 34.05 3.21 27.44
CA TYR A 293 32.92 3.79 26.73
C TYR A 293 33.06 3.60 25.23
N LYS A 294 34.27 3.84 24.70
CA LYS A 294 34.49 3.68 23.28
C LYS A 294 34.49 2.20 22.89
N ALA A 295 35.03 1.33 23.76
CA ALA A 295 35.03 -0.10 23.47
C ALA A 295 33.62 -0.65 23.37
N PHE A 296 32.71 -0.18 24.23
CA PHE A 296 31.32 -0.61 24.16
C PHE A 296 30.57 0.07 23.03
N LYS A 297 30.83 1.36 22.81
CA LYS A 297 30.17 2.09 21.74
C LYS A 297 30.57 1.55 20.37
N ASP A 298 31.83 1.16 20.21
CA ASP A 298 32.33 0.63 18.95
C ASP A 298 32.19 -0.89 18.85
N PHE A 299 31.32 -1.49 19.65
CA PHE A 299 30.90 -2.88 19.48
C PHE A 299 32.04 -3.89 19.66
N GLU A 300 32.99 -3.61 20.54
CA GLU A 300 34.01 -4.64 20.80
C GLU A 300 33.54 -5.65 21.83
N LYS A 301 32.59 -5.26 22.69
CA LYS A 301 31.95 -6.18 23.61
C LYS A 301 30.47 -5.83 23.65
N ARG A 302 29.62 -6.86 23.77
CA ARG A 302 28.19 -6.66 23.64
C ARG A 302 27.49 -6.36 24.97
N ILE A 303 28.21 -6.43 26.08
CA ILE A 303 27.63 -6.29 27.41
C ILE A 303 28.32 -5.15 28.15
N CYS A 304 27.52 -4.28 28.77
CA CYS A 304 28.03 -3.19 29.58
C CYS A 304 27.25 -3.13 30.90
N VAL A 305 27.98 -3.14 32.01
CA VAL A 305 27.39 -2.99 33.34
C VAL A 305 27.78 -1.61 33.85
N SER A 306 26.79 -0.84 34.29
CA SER A 306 27.08 0.51 34.73
C SER A 306 26.06 0.95 35.77
N THR A 307 26.41 2.03 36.47
CA THR A 307 25.49 2.68 37.39
C THR A 307 24.63 3.65 36.60
N ASP A 308 23.99 4.59 37.28
CA ASP A 308 23.19 5.56 36.55
C ASP A 308 24.03 6.57 35.76
N VAL A 309 25.34 6.38 35.70
CA VAL A 309 26.19 7.23 34.87
C VAL A 309 25.80 7.12 33.40
N PHE A 310 25.22 6.00 33.00
CA PHE A 310 24.68 5.81 31.65
C PHE A 310 23.16 5.78 31.65
N GLY A 311 22.53 6.20 32.75
CA GLY A 311 21.07 6.12 32.83
C GLY A 311 20.36 7.08 31.90
N ARG A 312 20.97 8.22 31.60
CA ARG A 312 20.35 9.25 30.79
C ARG A 312 21.22 9.56 29.57
N GLY A 313 20.55 9.92 28.47
CA GLY A 313 21.21 10.54 27.34
C GLY A 313 22.03 9.65 26.43
N ILE A 314 22.71 8.65 26.98
CA ILE A 314 23.62 7.82 26.18
C ILE A 314 22.85 7.17 25.04
N ASP A 315 23.39 7.28 23.83
CA ASP A 315 22.75 6.79 22.61
C ASP A 315 23.70 5.82 21.91
N ILE A 316 23.39 4.53 22.02
CA ILE A 316 24.11 3.47 21.30
C ILE A 316 23.05 2.64 20.58
N GLU A 317 23.14 2.62 19.24
CA GLU A 317 22.03 2.09 18.43
C GLU A 317 21.89 0.58 18.54
N ARG A 318 22.94 -0.13 18.93
CA ARG A 318 22.86 -1.59 19.04
C ARG A 318 22.26 -2.07 20.35
N ILE A 319 21.90 -1.16 21.26
CA ILE A 319 21.30 -1.56 22.53
C ILE A 319 19.81 -1.82 22.28
N ASN A 320 19.41 -3.09 22.33
CA ASN A 320 18.01 -3.47 22.26
C ASN A 320 17.57 -4.26 23.49
N LEU A 321 18.40 -4.30 24.53
CA LEU A 321 18.07 -4.99 25.77
C LEU A 321 18.64 -4.20 26.93
N ALA A 322 17.76 -3.77 27.84
CA ALA A 322 18.17 -3.09 29.06
C ALA A 322 17.65 -3.89 30.25
N ILE A 323 18.53 -4.21 31.19
CA ILE A 323 18.18 -5.02 32.34
C ILE A 323 18.44 -4.21 33.60
N ASN A 324 17.39 -4.01 34.39
CA ASN A 324 17.50 -3.36 35.69
C ASN A 324 17.85 -4.44 36.70
N TYR A 325 19.15 -4.69 36.83
CA TYR A 325 19.62 -5.62 37.85
C TYR A 325 19.25 -5.14 39.24
N ASP A 326 19.34 -3.83 39.47
CA ASP A 326 18.83 -3.18 40.67
C ASP A 326 17.85 -2.11 40.22
N LEU A 327 16.67 -2.10 40.81
CA LEU A 327 15.69 -1.10 40.44
C LEU A 327 16.02 0.25 41.06
N THR A 328 15.44 1.29 40.49
CA THR A 328 15.67 2.66 40.94
C THR A 328 14.80 2.99 42.14
N ASN A 329 15.04 4.17 42.71
CA ASN A 329 14.22 4.67 43.81
C ASN A 329 12.95 5.36 43.34
N GLU A 330 12.96 5.97 42.15
CA GLU A 330 11.81 6.70 41.65
C GLU A 330 11.63 6.41 40.16
N ALA A 331 10.39 6.57 39.69
CA ALA A 331 10.02 6.15 38.35
C ALA A 331 10.75 6.92 37.25
N ASP A 332 11.09 8.19 37.48
CA ASP A 332 11.69 9.00 36.42
C ASP A 332 13.00 8.37 35.93
N GLN A 333 13.87 7.96 36.85
CA GLN A 333 15.12 7.36 36.44
C GLN A 333 14.91 6.04 35.71
N TYR A 334 13.85 5.30 36.06
CA TYR A 334 13.54 4.07 35.35
C TYR A 334 13.24 4.32 33.87
N LEU A 335 12.49 5.39 33.58
CA LEU A 335 12.11 5.65 32.20
C LEU A 335 13.32 6.03 31.36
N HIS A 336 14.26 6.77 31.94
CA HIS A 336 15.50 7.09 31.24
C HIS A 336 16.36 5.84 31.07
N ARG A 337 16.40 4.97 32.08
CA ARG A 337 17.18 3.75 31.99
C ARG A 337 16.73 2.88 30.82
N VAL A 338 15.45 2.51 30.80
CA VAL A 338 14.93 1.69 29.72
C VAL A 338 14.98 2.42 28.39
N GLY A 339 15.07 3.75 28.41
CA GLY A 339 15.20 4.52 27.18
C GLY A 339 16.49 4.29 26.42
N ARG A 340 17.51 3.69 27.06
CA ARG A 340 18.74 3.41 26.34
C ARG A 340 18.58 2.35 25.27
N ALA A 341 17.49 1.59 25.31
CA ALA A 341 17.22 0.54 24.33
C ALA A 341 16.11 0.98 23.40
N GLY A 342 16.16 0.49 22.17
CA GLY A 342 15.18 0.86 21.18
C GLY A 342 15.26 2.33 20.79
N ARG A 343 16.45 2.79 20.44
CA ARG A 343 16.67 4.19 20.11
C ARG A 343 15.94 4.55 18.82
N PHE A 344 15.38 5.76 18.78
CA PHE A 344 14.63 6.27 17.62
C PHE A 344 13.47 5.34 17.25
N GLY A 345 12.68 4.98 18.25
CA GLY A 345 11.45 4.24 18.00
C GLY A 345 11.63 2.85 17.43
N THR A 346 12.80 2.24 17.63
CA THR A 346 13.02 0.88 17.19
C THR A 346 12.62 -0.11 18.29
N LYS A 347 12.79 -1.40 17.99
CA LYS A 347 12.32 -2.46 18.88
C LYS A 347 13.29 -2.63 20.03
N GLY A 348 12.77 -2.95 21.21
CA GLY A 348 13.61 -3.14 22.37
C GLY A 348 12.91 -3.95 23.43
N LEU A 349 13.68 -4.38 24.43
CA LEU A 349 13.18 -5.21 25.51
C LEU A 349 13.82 -4.79 26.83
N ALA A 350 12.99 -4.59 27.85
CA ALA A 350 13.43 -4.17 29.16
C ALA A 350 12.96 -5.16 30.21
N ILE A 351 13.87 -5.57 31.09
CA ILE A 351 13.58 -6.52 32.15
C ILE A 351 14.17 -5.99 33.45
N SER A 352 13.36 -5.93 34.50
CA SER A 352 13.77 -5.42 35.80
C SER A 352 13.69 -6.50 36.85
N PHE A 353 14.67 -6.51 37.76
CA PHE A 353 14.68 -7.45 38.87
C PHE A 353 13.99 -6.83 40.08
N VAL A 354 13.00 -7.54 40.62
CA VAL A 354 12.29 -7.13 41.82
C VAL A 354 12.71 -8.09 42.92
N SER A 355 13.55 -7.62 43.83
CA SER A 355 14.14 -8.48 44.85
C SER A 355 13.87 -8.01 46.27
N SER A 356 13.07 -6.96 46.46
CA SER A 356 12.79 -6.46 47.79
C SER A 356 11.47 -5.70 47.78
N LYS A 357 11.12 -5.17 48.96
CA LYS A 357 9.87 -4.43 49.06
C LYS A 357 9.81 -3.19 48.15
N GLU A 358 10.80 -2.26 48.19
CA GLU A 358 10.62 -1.11 47.28
C GLU A 358 10.69 -1.42 45.81
N ASP A 359 11.30 -2.51 45.44
CA ASP A 359 11.22 -2.78 44.04
C ASP A 359 9.75 -2.92 43.68
N GLU A 360 8.93 -3.42 44.62
CA GLU A 360 7.51 -3.63 44.34
C GLU A 360 6.68 -2.34 44.40
N GLU A 361 6.95 -1.43 45.35
CA GLU A 361 6.24 -0.16 45.29
C GLU A 361 6.75 0.75 44.16
N VAL A 362 8.05 0.73 43.83
CA VAL A 362 8.49 1.57 42.72
C VAL A 362 7.98 1.02 41.41
N LEU A 363 7.98 -0.30 41.25
CA LEU A 363 7.33 -0.91 40.09
C LEU A 363 5.83 -0.62 40.11
N ALA A 364 5.24 -0.60 41.31
CA ALA A 364 3.85 -0.19 41.44
C ALA A 364 3.64 1.26 41.02
N LYS A 365 4.58 2.15 41.34
CA LYS A 365 4.36 3.56 41.01
C LYS A 365 4.71 3.88 39.56
N ILE A 366 5.44 3.01 38.87
CA ILE A 366 5.74 3.27 37.46
C ILE A 366 4.52 3.09 36.59
N GLN A 367 3.72 2.07 36.87
CA GLN A 367 2.63 1.79 35.96
C GLN A 367 1.53 2.86 36.02
N GLU A 368 1.19 3.44 37.19
CA GLU A 368 0.18 4.49 37.03
C GLU A 368 0.74 5.67 36.22
N ARG A 369 2.02 6.03 36.43
CA ARG A 369 2.56 7.24 35.81
C ARG A 369 2.55 7.18 34.26
N PHE A 370 2.90 6.02 33.69
CA PHE A 370 3.06 5.91 32.25
C PHE A 370 2.00 5.04 31.55
N ASP A 371 0.90 4.64 32.20
CA ASP A 371 0.22 3.48 31.58
C ASP A 371 1.01 2.40 30.92
N VAL A 372 1.76 1.66 31.64
CA VAL A 372 2.32 0.48 31.03
C VAL A 372 2.05 -0.65 31.98
N LYS A 373 1.65 -1.78 31.44
CA LYS A 373 1.50 -2.96 32.27
C LYS A 373 2.81 -3.69 32.08
N ILE A 374 3.68 -3.58 33.07
CA ILE A 374 4.97 -4.28 33.01
C ILE A 374 4.64 -5.70 33.46
N ALA A 375 4.41 -6.58 32.49
CA ALA A 375 4.00 -7.93 32.81
C ALA A 375 5.12 -8.67 33.51
N GLU A 376 4.74 -9.71 34.26
CA GLU A 376 5.73 -10.60 34.83
C GLU A 376 6.29 -11.47 33.73
N PHE A 377 7.61 -11.60 33.69
CA PHE A 377 8.27 -12.36 32.64
C PHE A 377 7.74 -13.78 32.64
N PRO A 378 7.13 -14.25 31.54
CA PRO A 378 6.53 -15.59 31.55
C PRO A 378 7.59 -16.66 31.77
N GLU A 379 7.23 -17.68 32.54
CA GLU A 379 8.20 -18.73 32.85
C GLU A 379 8.61 -19.50 31.60
N GLU A 380 7.73 -19.58 30.61
CA GLU A 380 8.06 -20.26 29.36
C GLU A 380 8.94 -19.42 28.44
N GLY A 381 9.31 -18.21 28.84
CA GLY A 381 10.08 -17.35 27.97
C GLY A 381 9.20 -16.62 26.97
N ILE A 382 9.84 -15.72 26.21
CA ILE A 382 9.15 -14.90 25.23
C ILE A 382 9.67 -15.22 23.84
N ASP A 383 8.80 -14.96 22.86
CA ASP A 383 9.13 -15.16 21.44
C ASP A 383 10.21 -14.17 21.00
N PRO A 384 11.23 -14.63 20.26
CA PRO A 384 12.22 -13.66 19.75
C PRO A 384 11.62 -12.63 18.81
N SER A 385 10.53 -12.97 18.09
CA SER A 385 9.94 -12.06 17.11
C SER A 385 9.31 -10.85 17.79
N THR A 386 8.78 -11.02 18.99
CA THR A 386 8.15 -9.96 19.77
C THR A 386 9.11 -8.89 20.24
N TYR A 387 10.42 -9.03 20.02
CA TYR A 387 11.33 -7.91 20.30
C TYR A 387 12.45 -7.80 19.27
N LEU A 388 12.27 -8.34 18.07
CA LEU A 388 13.29 -8.23 17.03
C LEU A 388 12.72 -7.53 15.78
N THR B 6 -11.48 -34.66 -7.49
CA THR B 6 -10.61 -34.75 -6.32
C THR B 6 -9.92 -33.41 -6.06
N GLY B 7 -9.96 -32.54 -7.07
CA GLY B 7 -9.50 -31.18 -6.90
C GLY B 7 -8.01 -31.02 -6.65
N PHE B 8 -7.65 -29.79 -6.30
CA PHE B 8 -6.26 -29.36 -6.15
C PHE B 8 -5.63 -29.75 -4.81
N LYS B 9 -6.39 -30.18 -3.79
CA LYS B 9 -5.69 -30.50 -2.54
C LYS B 9 -4.77 -31.75 -2.65
N ASP B 10 -4.86 -32.61 -3.67
CA ASP B 10 -3.75 -33.57 -3.80
C ASP B 10 -2.49 -32.96 -4.40
N PHE B 11 -2.52 -31.72 -4.88
CA PHE B 11 -1.29 -31.07 -5.35
C PHE B 11 -0.41 -30.58 -4.22
N LEU B 12 -0.92 -30.55 -2.98
CA LEU B 12 -0.11 -30.24 -1.79
C LEU B 12 0.41 -28.80 -1.85
N LEU B 13 -0.51 -27.85 -2.00
CA LEU B 13 -0.12 -26.46 -2.18
C LEU B 13 -0.26 -25.66 -0.88
N LYS B 14 0.33 -24.47 -0.90
CA LYS B 14 0.23 -23.57 0.25
C LYS B 14 -1.23 -23.24 0.53
N PRO B 15 -1.58 -23.01 1.79
CA PRO B 15 -2.98 -22.64 2.09
C PRO B 15 -3.43 -21.37 1.41
N GLU B 16 -2.52 -20.42 1.19
CA GLU B 16 -2.89 -19.20 0.46
C GLU B 16 -3.15 -19.51 -1.00
N LEU B 17 -2.40 -20.45 -1.58
CA LEU B 17 -2.64 -20.88 -2.96
C LEU B 17 -4.01 -21.53 -3.10
N SER B 18 -4.26 -22.57 -2.29
CA SER B 18 -5.55 -23.27 -2.34
C SER B 18 -6.70 -22.30 -2.09
N ARG B 19 -6.48 -21.33 -1.20
CA ARG B 19 -7.51 -20.33 -0.89
C ARG B 19 -7.79 -19.45 -2.09
N ALA B 20 -6.75 -19.08 -2.84
CA ALA B 20 -6.95 -18.29 -4.05
C ALA B 20 -7.60 -19.11 -5.16
N ILE B 21 -7.28 -20.40 -5.24
CA ILE B 21 -7.88 -21.27 -6.25
C ILE B 21 -9.39 -21.35 -6.06
N ILE B 22 -9.87 -21.32 -4.82
CA ILE B 22 -11.30 -21.40 -4.57
C ILE B 22 -12.01 -20.10 -4.95
N ASP B 23 -11.36 -18.94 -4.77
CA ASP B 23 -11.99 -17.69 -5.16
C ASP B 23 -12.02 -17.50 -6.68
N CYS B 24 -11.22 -18.23 -7.43
CA CYS B 24 -11.23 -18.13 -8.88
C CYS B 24 -12.19 -19.10 -9.54
N GLY B 25 -13.07 -19.75 -8.76
CA GLY B 25 -14.00 -20.72 -9.30
C GLY B 25 -13.41 -22.05 -9.72
N PHE B 26 -12.09 -22.19 -9.74
CA PHE B 26 -11.47 -23.47 -10.04
C PHE B 26 -11.83 -24.48 -8.95
N GLU B 27 -12.28 -25.68 -9.34
CA GLU B 27 -12.27 -26.82 -8.42
C GLU B 27 -11.95 -28.16 -9.05
N HIS B 28 -11.87 -28.27 -10.37
CA HIS B 28 -11.42 -29.52 -10.98
C HIS B 28 -10.22 -29.19 -11.86
N PRO B 29 -9.09 -29.86 -11.65
CA PRO B 29 -7.92 -29.58 -12.47
C PRO B 29 -8.13 -30.14 -13.86
N SER B 30 -7.70 -29.38 -14.86
CA SER B 30 -7.77 -29.89 -16.22
C SER B 30 -6.71 -30.97 -16.41
N GLU B 31 -6.84 -31.71 -17.51
CA GLU B 31 -5.97 -32.86 -17.73
C GLU B 31 -4.52 -32.42 -17.93
N VAL B 32 -4.29 -31.24 -18.52
CA VAL B 32 -2.93 -30.76 -18.67
C VAL B 32 -2.34 -30.38 -17.32
N GLN B 33 -3.15 -29.85 -16.41
CA GLN B 33 -2.65 -29.47 -15.10
C GLN B 33 -2.42 -30.69 -14.22
N GLN B 34 -3.24 -31.73 -14.39
CA GLN B 34 -3.03 -32.97 -13.65
C GLN B 34 -1.72 -33.64 -14.07
N HIS B 35 -1.32 -33.50 -15.34
CA HIS B 35 -0.12 -34.13 -15.87
C HIS B 35 1.13 -33.27 -15.71
N THR B 36 1.02 -32.01 -15.33
CA THR B 36 2.17 -31.12 -15.30
C THR B 36 2.45 -30.52 -13.92
N ILE B 37 1.42 -30.12 -13.19
CA ILE B 37 1.64 -29.42 -11.92
C ILE B 37 2.50 -30.23 -10.95
N PRO B 38 2.19 -31.51 -10.66
CA PRO B 38 3.00 -32.24 -9.66
C PRO B 38 4.49 -32.28 -9.97
N GLN B 39 4.86 -32.46 -11.24
CA GLN B 39 6.27 -32.52 -11.61
C GLN B 39 6.88 -31.14 -11.80
N SER B 40 6.06 -30.11 -12.06
CA SER B 40 6.59 -28.75 -12.13
C SER B 40 6.97 -28.21 -10.75
N ILE B 41 6.25 -28.63 -9.70
CA ILE B 41 6.59 -28.22 -8.34
C ILE B 41 7.95 -28.79 -7.95
N HIS B 42 8.32 -29.93 -8.52
CA HIS B 42 9.57 -30.60 -8.19
C HIS B 42 10.77 -29.93 -8.85
N GLY B 43 10.54 -28.92 -9.69
CA GLY B 43 11.62 -28.20 -10.33
C GLY B 43 12.09 -28.81 -11.63
N THR B 44 11.39 -29.82 -12.15
CA THR B 44 11.78 -30.48 -13.38
C THR B 44 11.40 -29.63 -14.59
N ASP B 45 12.30 -29.61 -15.58
CA ASP B 45 12.03 -28.85 -16.80
C ASP B 45 10.82 -29.42 -17.52
N VAL B 46 10.06 -28.54 -18.16
CA VAL B 46 8.77 -28.90 -18.76
C VAL B 46 8.72 -28.35 -20.18
N LEU B 47 8.37 -29.21 -21.13
CA LEU B 47 8.01 -28.80 -22.49
C LEU B 47 6.63 -29.37 -22.75
N CYS B 48 5.62 -28.51 -22.75
CA CYS B 48 4.23 -28.92 -22.64
C CYS B 48 3.43 -28.50 -23.86
N GLN B 49 2.59 -29.41 -24.36
CA GLN B 49 1.66 -29.14 -25.45
C GLN B 49 0.27 -29.56 -25.02
N ALA B 50 -0.71 -28.67 -25.17
CA ALA B 50 -2.08 -28.94 -24.80
C ALA B 50 -3.01 -28.11 -25.67
N LYS B 51 -4.26 -28.52 -25.76
CA LYS B 51 -5.18 -27.84 -26.66
C LYS B 51 -5.50 -26.43 -26.14
N SER B 52 -6.08 -25.63 -27.03
CA SER B 52 -6.30 -24.22 -26.75
C SER B 52 -7.27 -24.06 -25.57
N GLY B 53 -6.86 -23.27 -24.58
CA GLY B 53 -7.76 -22.84 -23.54
C GLY B 53 -8.04 -23.84 -22.44
N LEU B 54 -7.25 -24.91 -22.31
CA LEU B 54 -7.47 -25.89 -21.26
C LEU B 54 -6.59 -25.65 -20.03
N GLY B 55 -6.11 -24.42 -19.83
CA GLY B 55 -5.49 -24.06 -18.57
C GLY B 55 -3.99 -24.30 -18.50
N LYS B 56 -3.26 -23.83 -19.50
CA LYS B 56 -1.80 -23.90 -19.44
C LYS B 56 -1.20 -22.80 -18.58
N THR B 57 -1.89 -21.67 -18.45
CA THR B 57 -1.37 -20.56 -17.65
C THR B 57 -1.29 -20.94 -16.18
N ALA B 58 -2.36 -21.52 -15.63
CA ALA B 58 -2.38 -21.91 -14.23
C ALA B 58 -1.30 -22.94 -13.90
N VAL B 59 -0.77 -23.65 -14.90
CA VAL B 59 0.27 -24.64 -14.64
C VAL B 59 1.52 -23.95 -14.10
N PHE B 60 2.11 -23.05 -14.89
CA PHE B 60 3.34 -22.39 -14.45
C PHE B 60 3.11 -21.29 -13.45
N VAL B 61 1.88 -20.76 -13.35
CA VAL B 61 1.59 -19.75 -12.34
C VAL B 61 1.55 -20.39 -10.95
N LEU B 62 0.75 -21.44 -10.77
CA LEU B 62 0.65 -22.07 -9.46
C LEU B 62 1.95 -22.77 -9.06
N SER B 63 2.68 -23.34 -10.01
CA SER B 63 3.90 -24.06 -9.63
C SER B 63 5.01 -23.09 -9.23
N THR B 64 5.22 -22.02 -10.01
CA THR B 64 6.25 -21.05 -9.63
C THR B 64 5.88 -20.35 -8.32
N LEU B 65 4.60 -20.08 -8.11
CA LEU B 65 4.18 -19.44 -6.86
C LEU B 65 4.37 -20.37 -5.67
N GLN B 66 4.30 -21.69 -5.89
CA GLN B 66 4.49 -22.63 -4.79
C GLN B 66 5.96 -22.79 -4.41
N GLN B 67 6.85 -22.85 -5.41
CA GLN B 67 8.28 -22.93 -5.12
C GLN B 67 8.84 -21.60 -4.60
N LEU B 68 8.16 -20.49 -4.87
CA LEU B 68 8.70 -19.18 -4.53
C LEU B 68 8.76 -18.97 -3.02
N ASP B 69 9.92 -18.56 -2.54
CA ASP B 69 10.08 -17.98 -1.21
C ASP B 69 10.63 -16.57 -1.41
N PRO B 70 9.83 -15.53 -1.22
CA PRO B 70 10.25 -14.19 -1.67
C PRO B 70 11.42 -13.67 -0.86
N VAL B 71 12.46 -13.26 -1.57
CA VAL B 71 13.61 -12.54 -1.00
C VAL B 71 13.55 -11.10 -1.51
N PRO B 72 13.57 -10.11 -0.62
CA PRO B 72 13.33 -8.72 -1.05
C PRO B 72 14.34 -8.27 -2.10
N GLY B 73 13.84 -7.64 -3.15
CA GLY B 73 14.69 -7.08 -4.18
C GLY B 73 15.28 -8.08 -5.15
N GLU B 74 14.84 -9.34 -5.10
CA GLU B 74 15.49 -10.43 -5.82
C GLU B 74 14.49 -11.10 -6.75
N VAL B 75 14.77 -11.05 -8.04
CA VAL B 75 13.92 -11.64 -9.06
C VAL B 75 14.17 -13.14 -9.12
N ALA B 76 13.12 -13.93 -8.89
CA ALA B 76 13.22 -15.38 -8.95
C ALA B 76 12.58 -15.99 -10.19
N VAL B 77 11.56 -15.35 -10.76
CA VAL B 77 10.77 -15.92 -11.84
C VAL B 77 10.74 -14.95 -13.02
N VAL B 78 10.91 -15.49 -14.23
CA VAL B 78 10.82 -14.73 -15.47
C VAL B 78 9.86 -15.45 -16.41
N VAL B 79 8.89 -14.71 -16.95
CA VAL B 79 7.91 -15.25 -17.89
C VAL B 79 7.97 -14.41 -19.17
N ILE B 80 8.02 -15.08 -20.31
CA ILE B 80 8.16 -14.43 -21.62
C ILE B 80 6.92 -14.74 -22.45
N CYS B 81 6.40 -13.72 -23.13
CA CYS B 81 5.29 -13.86 -24.07
C CYS B 81 5.69 -13.33 -25.43
N ASN B 82 4.73 -13.34 -26.35
CA ASN B 82 4.94 -12.81 -27.70
C ASN B 82 4.20 -11.49 -27.93
N ALA B 83 3.21 -11.17 -27.11
CA ALA B 83 2.39 -9.97 -27.29
C ALA B 83 2.30 -9.23 -25.96
N ARG B 84 2.10 -7.91 -26.05
CA ARG B 84 2.11 -7.07 -24.86
C ARG B 84 0.88 -7.32 -23.98
N GLU B 85 -0.30 -7.38 -24.60
CA GLU B 85 -1.52 -7.58 -23.83
C GLU B 85 -1.56 -8.96 -23.20
N LEU B 86 -0.96 -9.96 -23.86
CA LEU B 86 -0.88 -11.29 -23.25
C LEU B 86 0.01 -11.25 -22.01
N ALA B 87 1.11 -10.51 -22.05
CA ALA B 87 1.95 -10.35 -20.88
C ALA B 87 1.19 -9.67 -19.74
N TYR B 88 0.38 -8.65 -20.09
CA TYR B 88 -0.48 -8.03 -19.09
C TYR B 88 -1.46 -9.02 -18.50
N GLN B 89 -2.01 -9.90 -19.34
CA GLN B 89 -2.96 -10.89 -18.85
C GLN B 89 -2.31 -11.88 -17.90
N ILE B 90 -1.10 -12.35 -18.24
CA ILE B 90 -0.41 -13.32 -17.40
C ILE B 90 -0.06 -12.71 -16.06
N ARG B 91 0.34 -11.44 -16.05
CA ARG B 91 0.66 -10.77 -14.79
C ARG B 91 -0.56 -10.68 -13.89
N ASN B 92 -1.74 -10.42 -14.48
CA ASN B 92 -2.95 -10.38 -13.68
C ASN B 92 -3.35 -11.76 -13.17
N GLU B 93 -2.96 -12.82 -13.87
CA GLU B 93 -3.19 -14.16 -13.32
C GLU B 93 -2.29 -14.43 -12.13
N TYR B 94 -1.06 -13.90 -12.17
CA TYR B 94 -0.18 -13.99 -11.00
C TYR B 94 -0.76 -13.24 -9.81
N LEU B 95 -1.37 -12.08 -10.05
CA LEU B 95 -1.95 -11.31 -8.94
C LEU B 95 -3.11 -12.04 -8.29
N ARG B 96 -3.95 -12.71 -9.09
CA ARG B 96 -5.16 -13.31 -8.54
C ARG B 96 -4.87 -14.59 -7.77
N PHE B 97 -3.80 -15.30 -8.12
CA PHE B 97 -3.41 -16.48 -7.36
C PHE B 97 -2.45 -16.15 -6.22
N SER B 98 -1.74 -15.02 -6.30
CA SER B 98 -1.01 -14.47 -5.18
C SER B 98 -1.88 -13.51 -4.37
N LYS B 99 -3.20 -13.67 -4.44
CA LYS B 99 -4.13 -12.78 -3.76
C LYS B 99 -3.85 -12.69 -2.27
N TYR B 100 -3.59 -13.83 -1.63
CA TYR B 100 -3.35 -13.88 -0.19
C TYR B 100 -1.88 -14.06 0.16
N MET B 101 -0.97 -13.73 -0.77
CA MET B 101 0.46 -13.71 -0.53
C MET B 101 0.94 -12.27 -0.68
N PRO B 102 0.83 -11.45 0.36
CA PRO B 102 1.16 -10.03 0.22
C PRO B 102 2.63 -9.78 -0.03
N ASP B 103 3.52 -10.67 0.41
CA ASP B 103 4.96 -10.46 0.21
C ASP B 103 5.34 -10.57 -1.26
N VAL B 104 4.59 -11.34 -2.04
CA VAL B 104 4.93 -11.54 -3.45
C VAL B 104 4.64 -10.26 -4.22
N LYS B 105 5.58 -9.87 -5.07
CA LYS B 105 5.44 -8.71 -5.93
C LYS B 105 5.72 -9.12 -7.37
N THR B 106 4.86 -8.67 -8.29
CA THR B 106 4.99 -9.00 -9.70
C THR B 106 4.96 -7.73 -10.53
N ALA B 107 5.61 -7.78 -11.68
CA ALA B 107 5.68 -6.65 -12.59
C ALA B 107 5.62 -7.16 -14.02
N VAL B 108 5.16 -6.29 -14.91
CA VAL B 108 5.11 -6.58 -16.34
C VAL B 108 5.85 -5.48 -17.08
N PHE B 109 6.58 -5.86 -18.14
CA PHE B 109 7.36 -4.91 -18.91
C PHE B 109 7.20 -5.18 -20.39
N TYR B 110 6.93 -4.12 -21.16
CA TYR B 110 6.82 -4.21 -22.60
C TYR B 110 7.06 -2.83 -23.20
N GLY B 111 7.15 -2.78 -24.53
CA GLY B 111 7.39 -1.54 -25.21
C GLY B 111 6.22 -0.58 -25.14
N GLY B 112 6.46 0.63 -25.65
CA GLY B 112 5.47 1.68 -25.70
C GLY B 112 5.50 2.65 -24.52
N THR B 113 6.25 2.35 -23.48
CA THR B 113 6.41 3.22 -22.33
C THR B 113 7.89 3.53 -22.14
N PRO B 114 8.23 4.69 -21.57
CA PRO B 114 9.64 5.01 -21.32
C PRO B 114 10.30 3.98 -20.40
N ILE B 115 11.48 3.50 -20.81
CA ILE B 115 12.19 2.49 -20.05
C ILE B 115 12.73 3.05 -18.75
N SER B 116 12.82 4.37 -18.62
CA SER B 116 13.28 4.98 -17.38
C SER B 116 12.33 4.67 -16.23
N LYS B 117 11.03 4.54 -16.51
CA LYS B 117 10.07 4.20 -15.47
C LYS B 117 10.27 2.77 -14.97
N ASP B 118 10.61 1.84 -15.88
CA ASP B 118 10.87 0.47 -15.46
C ASP B 118 12.14 0.38 -14.63
N ALA B 119 13.17 1.14 -14.98
CA ALA B 119 14.42 1.08 -14.24
C ALA B 119 14.23 1.53 -12.79
N GLU B 120 13.49 2.63 -12.60
CA GLU B 120 13.27 3.12 -11.24
C GLU B 120 12.38 2.18 -10.44
N LEU B 121 11.33 1.63 -11.08
CA LEU B 121 10.46 0.70 -10.38
C LEU B 121 11.23 -0.55 -9.95
N LEU B 122 12.26 -0.94 -10.71
CA LEU B 122 13.07 -2.09 -10.34
C LEU B 122 13.95 -1.79 -9.15
N LYS B 123 14.35 -0.54 -8.98
CA LYS B 123 15.17 -0.10 -7.85
C LYS B 123 14.35 0.28 -6.64
N ASN B 124 13.05 0.50 -6.79
CA ASN B 124 12.21 0.88 -5.67
C ASN B 124 11.95 -0.32 -4.76
N LYS B 125 12.01 -0.09 -3.45
CA LYS B 125 11.88 -1.19 -2.50
C LYS B 125 10.46 -1.72 -2.43
N ASP B 126 9.45 -0.87 -2.63
CA ASP B 126 8.06 -1.29 -2.50
C ASP B 126 7.54 -2.00 -3.74
N THR B 127 8.20 -1.83 -4.88
CA THR B 127 7.74 -2.40 -6.14
C THR B 127 8.74 -3.37 -6.77
N ALA B 128 9.91 -3.58 -6.15
CA ALA B 128 10.90 -4.52 -6.64
C ALA B 128 10.29 -5.91 -6.78
N PRO B 129 10.16 -6.41 -8.01
CA PRO B 129 9.36 -7.64 -8.22
C PRO B 129 10.15 -8.92 -8.01
N HIS B 130 9.47 -9.91 -7.45
CA HIS B 130 9.97 -11.27 -7.41
C HIS B 130 9.64 -12.06 -8.67
N ILE B 131 8.61 -11.63 -9.41
CA ILE B 131 8.17 -12.29 -10.63
C ILE B 131 8.06 -11.24 -11.72
N VAL B 132 8.71 -11.48 -12.86
CA VAL B 132 8.74 -10.52 -13.96
C VAL B 132 8.14 -11.19 -15.19
N VAL B 133 7.07 -10.60 -15.71
CA VAL B 133 6.48 -10.99 -16.99
C VAL B 133 6.85 -9.93 -18.01
N ALA B 134 7.18 -10.36 -19.22
CA ALA B 134 7.65 -9.40 -20.21
C ALA B 134 7.59 -10.00 -21.60
N THR B 135 7.65 -9.11 -22.59
CA THR B 135 7.89 -9.35 -24.01
C THR B 135 9.40 -9.33 -24.27
N PRO B 136 9.87 -10.07 -25.28
CA PRO B 136 11.33 -10.25 -25.43
C PRO B 136 12.10 -8.95 -25.67
N GLY B 137 11.49 -7.99 -26.36
CA GLY B 137 12.24 -6.79 -26.72
C GLY B 137 12.61 -5.95 -25.52
N ARG B 138 11.64 -5.64 -24.66
CA ARG B 138 11.90 -4.72 -23.55
C ARG B 138 12.77 -5.38 -22.47
N LEU B 139 12.53 -6.66 -22.18
CA LEU B 139 13.31 -7.33 -21.15
C LEU B 139 14.77 -7.47 -21.57
N LYS B 140 15.03 -7.68 -22.85
CA LYS B 140 16.41 -7.67 -23.33
C LYS B 140 17.04 -6.29 -23.17
N ALA B 141 16.28 -5.23 -23.43
CA ALA B 141 16.78 -3.87 -23.21
C ALA B 141 16.94 -3.55 -21.73
N LEU B 142 16.37 -4.35 -20.83
CA LEU B 142 16.59 -4.21 -19.41
C LEU B 142 17.80 -4.98 -18.93
N VAL B 143 18.11 -6.10 -19.58
CA VAL B 143 19.27 -6.91 -19.18
C VAL B 143 20.57 -6.21 -19.56
N ARG B 144 20.61 -5.58 -20.73
CA ARG B 144 21.89 -5.10 -21.25
C ARG B 144 22.37 -3.80 -20.65
N GLU B 145 21.46 -2.92 -20.27
CA GLU B 145 21.84 -1.76 -19.49
C GLU B 145 21.70 -2.05 -18.00
N LYS B 146 21.56 -3.33 -17.65
CA LYS B 146 21.59 -3.81 -16.27
C LYS B 146 20.68 -2.99 -15.36
N TYR B 147 19.50 -2.68 -15.89
CA TYR B 147 18.42 -2.17 -15.06
C TYR B 147 17.80 -3.28 -14.21
N ILE B 148 18.01 -4.54 -14.60
CA ILE B 148 17.48 -5.69 -13.86
C ILE B 148 18.62 -6.69 -13.66
N ASP B 149 18.55 -7.42 -12.55
CA ASP B 149 19.54 -8.44 -12.18
C ASP B 149 18.86 -9.79 -12.17
N LEU B 150 19.34 -10.70 -13.01
CA LEU B 150 18.75 -12.02 -13.15
C LEU B 150 19.73 -13.12 -12.72
N SER B 151 20.67 -12.76 -11.84
CA SER B 151 21.63 -13.72 -11.31
C SER B 151 21.02 -14.66 -10.27
N HIS B 152 19.73 -14.53 -9.97
CA HIS B 152 19.10 -15.32 -8.93
C HIS B 152 17.80 -15.98 -9.42
N VAL B 153 17.56 -15.97 -10.73
CA VAL B 153 16.33 -16.53 -11.27
C VAL B 153 16.31 -18.04 -11.04
N LYS B 154 15.22 -18.54 -10.50
CA LYS B 154 15.03 -19.98 -10.30
C LYS B 154 14.05 -20.60 -11.30
N ASN B 155 13.19 -19.79 -11.91
CA ASN B 155 12.17 -20.29 -12.83
C ASN B 155 12.17 -19.43 -14.08
N PHE B 156 12.34 -20.06 -15.24
CA PHE B 156 12.30 -19.38 -16.53
C PHE B 156 11.19 -20.00 -17.36
N VAL B 157 10.18 -19.21 -17.69
CA VAL B 157 9.00 -19.69 -18.41
C VAL B 157 8.90 -18.96 -19.74
N ILE B 158 8.63 -19.71 -20.80
CA ILE B 158 8.36 -19.16 -22.13
C ILE B 158 6.99 -19.65 -22.56
N ASP B 159 6.01 -18.74 -22.61
CA ASP B 159 4.69 -19.07 -23.10
C ASP B 159 4.61 -18.78 -24.59
N GLU B 160 3.79 -19.56 -25.29
CA GLU B 160 3.74 -19.55 -26.76
C GLU B 160 5.15 -19.73 -27.32
N CYS B 161 5.85 -20.75 -26.81
CA CYS B 161 7.27 -20.90 -27.09
C CYS B 161 7.56 -21.14 -28.56
N ASP B 162 6.63 -21.77 -29.28
CA ASP B 162 6.85 -22.02 -30.70
C ASP B 162 6.90 -20.71 -31.48
N LYS B 163 6.03 -19.76 -31.15
CA LYS B 163 6.05 -18.46 -31.80
C LYS B 163 7.25 -17.63 -31.36
N VAL B 164 7.66 -17.78 -30.09
CA VAL B 164 8.76 -16.96 -29.57
C VAL B 164 10.09 -17.43 -30.15
N LEU B 165 10.27 -18.74 -30.34
CA LEU B 165 11.54 -19.28 -30.78
C LEU B 165 11.63 -19.47 -32.29
N GLU B 166 10.51 -19.39 -33.02
CA GLU B 166 10.57 -19.43 -34.47
C GLU B 166 10.82 -18.05 -35.07
N GLU B 167 10.32 -17.00 -34.42
CA GLU B 167 10.75 -15.65 -34.75
C GLU B 167 12.18 -15.49 -34.31
N LEU B 168 13.06 -15.15 -35.24
CA LEU B 168 14.46 -15.33 -34.92
C LEU B 168 15.05 -14.10 -34.25
N ASP B 169 14.37 -12.94 -34.38
CA ASP B 169 14.75 -11.76 -33.61
C ASP B 169 14.32 -11.90 -32.15
N MET B 170 13.14 -12.44 -31.93
CA MET B 170 12.74 -12.72 -30.56
C MET B 170 13.58 -13.83 -29.98
N ARG B 171 14.00 -14.79 -30.81
CA ARG B 171 14.87 -15.84 -30.30
C ARG B 171 16.22 -15.26 -29.91
N ARG B 172 16.78 -14.36 -30.73
CA ARG B 172 18.03 -13.70 -30.35
C ARG B 172 17.88 -12.97 -29.02
N ASP B 173 16.75 -12.27 -28.80
CA ASP B 173 16.54 -11.58 -27.54
C ASP B 173 16.35 -12.53 -26.36
N VAL B 174 15.49 -13.54 -26.49
CA VAL B 174 15.27 -14.43 -25.35
C VAL B 174 16.56 -15.13 -24.96
N GLN B 175 17.43 -15.42 -25.93
CA GLN B 175 18.67 -16.12 -25.60
C GLN B 175 19.65 -15.21 -24.90
N GLU B 176 19.57 -13.92 -25.18
CA GLU B 176 20.35 -12.96 -24.43
C GLU B 176 19.84 -12.83 -22.99
N ILE B 177 18.52 -12.86 -22.81
CA ILE B 177 17.96 -12.89 -21.47
C ILE B 177 18.30 -14.21 -20.77
N PHE B 178 18.25 -15.32 -21.51
CA PHE B 178 18.47 -16.64 -20.94
C PHE B 178 19.91 -16.85 -20.50
N ARG B 179 20.86 -16.09 -21.04
CA ARG B 179 22.27 -16.26 -20.67
C ARG B 179 22.70 -15.36 -19.53
N ALA B 180 21.82 -14.47 -19.05
CA ALA B 180 22.09 -13.70 -17.86
C ALA B 180 21.58 -14.37 -16.59
N THR B 181 20.97 -15.54 -16.73
CA THR B 181 20.37 -16.33 -15.66
C THR B 181 21.29 -17.50 -15.29
N PRO B 182 21.17 -18.03 -14.08
CA PRO B 182 21.93 -19.22 -13.72
C PRO B 182 21.58 -20.40 -14.61
N ARG B 183 22.58 -21.27 -14.83
CA ARG B 183 22.40 -22.49 -15.60
C ARG B 183 21.56 -23.54 -14.87
N ASP B 184 21.57 -23.55 -13.54
CA ASP B 184 20.79 -24.47 -12.72
C ASP B 184 19.46 -23.83 -12.31
N LYS B 185 18.64 -23.55 -13.31
CA LYS B 185 17.27 -23.13 -13.03
C LYS B 185 16.31 -24.11 -13.67
N GLN B 186 15.06 -24.02 -13.25
CA GLN B 186 13.97 -24.73 -13.92
C GLN B 186 13.52 -23.92 -15.12
N VAL B 187 13.34 -24.60 -16.25
CA VAL B 187 12.85 -23.95 -17.47
C VAL B 187 11.59 -24.66 -17.92
N MET B 188 10.55 -23.89 -18.22
CA MET B 188 9.26 -24.42 -18.64
C MET B 188 8.80 -23.72 -19.91
N MET B 189 8.23 -24.48 -20.83
CA MET B 189 7.75 -23.96 -22.11
C MET B 189 6.36 -24.52 -22.41
N PHE B 190 5.49 -23.67 -22.93
CA PHE B 190 4.11 -24.03 -23.18
C PHE B 190 3.66 -23.50 -24.54
N SER B 191 2.86 -24.31 -25.24
CA SER B 191 2.27 -23.92 -26.51
C SER B 191 1.25 -24.97 -26.93
N ALA B 192 0.20 -24.53 -27.61
CA ALA B 192 -0.76 -25.45 -28.18
C ALA B 192 -0.25 -26.13 -29.44
N THR B 193 0.77 -25.58 -30.08
CA THR B 193 1.32 -26.10 -31.33
C THR B 193 2.84 -26.19 -31.18
N LEU B 194 3.37 -27.41 -31.18
CA LEU B 194 4.81 -27.66 -31.19
C LEU B 194 5.10 -28.69 -32.27
N SER B 195 5.35 -28.22 -33.49
CA SER B 195 5.66 -29.08 -34.61
C SER B 195 6.96 -29.85 -34.37
N GLN B 196 7.19 -30.87 -35.20
CA GLN B 196 8.40 -31.66 -35.08
C GLN B 196 9.67 -30.84 -35.31
N GLU B 197 9.57 -29.72 -36.03
CA GLU B 197 10.75 -28.92 -36.29
C GLU B 197 11.11 -28.00 -35.12
N ILE B 198 10.14 -27.70 -34.25
CA ILE B 198 10.32 -26.76 -33.15
C ILE B 198 10.64 -27.47 -31.83
N ARG B 199 10.33 -28.76 -31.71
CA ARG B 199 10.68 -29.48 -30.48
C ARG B 199 12.18 -29.57 -30.25
N PRO B 200 13.03 -29.89 -31.24
CA PRO B 200 14.48 -29.88 -31.00
C PRO B 200 15.02 -28.52 -30.58
N ILE B 201 14.52 -27.44 -31.20
CA ILE B 201 14.98 -26.10 -30.85
C ILE B 201 14.60 -25.78 -29.40
N CYS B 202 13.42 -26.23 -28.95
CA CYS B 202 13.04 -26.03 -27.55
C CYS B 202 14.00 -26.77 -26.62
N ARG B 203 14.33 -28.02 -26.95
CA ARG B 203 15.19 -28.83 -26.10
C ARG B 203 16.56 -28.21 -25.87
N ARG B 204 16.98 -27.25 -26.69
CA ARG B 204 18.29 -26.64 -26.47
C ARG B 204 18.30 -25.67 -25.29
N PHE B 205 17.15 -25.43 -24.65
CA PHE B 205 17.09 -24.68 -23.41
C PHE B 205 16.76 -25.55 -22.21
N LEU B 206 16.32 -26.80 -22.43
CA LEU B 206 15.90 -27.69 -21.37
C LEU B 206 16.97 -28.72 -21.05
N GLN B 207 16.84 -29.32 -19.87
CA GLN B 207 17.75 -30.36 -19.40
C GLN B 207 16.90 -31.50 -18.85
N ASN B 208 16.81 -32.60 -19.61
CA ASN B 208 16.02 -33.77 -19.24
C ASN B 208 14.58 -33.32 -18.92
N PRO B 209 13.83 -32.84 -19.90
CA PRO B 209 12.51 -32.29 -19.62
C PRO B 209 11.41 -33.34 -19.61
N LEU B 210 10.38 -33.05 -18.83
CA LEU B 210 9.12 -33.77 -18.93
C LEU B 210 8.39 -33.26 -20.16
N GLU B 211 8.09 -34.16 -21.08
CA GLU B 211 7.56 -33.77 -22.38
C GLU B 211 6.13 -34.28 -22.54
N ILE B 212 5.21 -33.34 -22.71
CA ILE B 212 3.81 -33.64 -22.98
C ILE B 212 3.56 -33.19 -24.42
N PHE B 213 3.27 -34.14 -25.30
CA PHE B 213 3.10 -33.86 -26.71
C PHE B 213 1.72 -34.32 -27.16
N VAL B 214 1.23 -33.69 -28.21
CA VAL B 214 0.03 -34.15 -28.91
C VAL B 214 0.48 -34.44 -30.34
N ASP B 215 0.96 -35.66 -30.58
CA ASP B 215 1.53 -35.96 -31.88
C ASP B 215 0.49 -36.14 -32.98
N ASP B 216 -0.68 -36.72 -32.68
CA ASP B 216 -1.77 -36.73 -33.66
C ASP B 216 -2.55 -35.44 -33.51
N GLU B 217 -2.22 -34.46 -34.35
CA GLU B 217 -2.76 -33.10 -34.29
C GLU B 217 -4.27 -33.04 -34.51
N ALA B 218 -4.90 -34.18 -34.77
CA ALA B 218 -6.35 -34.25 -34.79
C ALA B 218 -6.96 -34.02 -33.42
N LYS B 219 -6.20 -34.21 -32.34
CA LYS B 219 -6.68 -34.00 -30.99
C LYS B 219 -6.26 -32.64 -30.44
N LEU B 220 -6.10 -31.65 -31.31
CA LEU B 220 -5.95 -30.25 -30.92
C LEU B 220 -7.17 -29.42 -31.27
N THR B 221 -8.18 -30.01 -31.89
CA THR B 221 -9.40 -29.29 -32.25
C THR B 221 -10.41 -29.38 -31.12
N LEU B 222 -10.95 -28.23 -30.73
CA LEU B 222 -11.95 -28.17 -29.67
C LEU B 222 -13.30 -28.64 -30.22
N HIS B 223 -13.85 -29.70 -29.61
CA HIS B 223 -15.10 -30.26 -30.10
C HIS B 223 -16.28 -29.30 -29.93
N GLY B 224 -16.19 -28.38 -28.96
CA GLY B 224 -17.27 -27.43 -28.79
C GLY B 224 -17.23 -26.24 -29.71
N LEU B 225 -16.28 -26.21 -30.65
CA LEU B 225 -16.08 -25.11 -31.58
C LEU B 225 -16.58 -25.53 -32.95
N GLN B 226 -17.64 -24.88 -33.43
CA GLN B 226 -18.16 -25.11 -34.77
C GLN B 226 -17.42 -24.22 -35.75
N GLN B 227 -16.90 -24.82 -36.81
CA GLN B 227 -16.08 -24.12 -37.78
C GLN B 227 -16.77 -24.13 -39.14
N TYR B 228 -16.94 -22.94 -39.72
CA TYR B 228 -17.55 -22.78 -41.02
C TYR B 228 -16.72 -21.82 -41.86
N TYR B 229 -16.98 -21.83 -43.17
CA TYR B 229 -16.32 -20.89 -44.07
C TYR B 229 -17.35 -20.34 -45.06
N ILE B 230 -17.03 -19.16 -45.59
CA ILE B 230 -17.85 -18.50 -46.60
C ILE B 230 -16.92 -18.10 -47.73
N LYS B 231 -17.21 -18.56 -48.95
CA LYS B 231 -16.40 -18.21 -50.10
C LYS B 231 -17.01 -16.99 -50.79
N LEU B 232 -16.27 -15.90 -50.75
CA LEU B 232 -16.70 -14.64 -51.32
C LEU B 232 -15.44 -13.94 -51.80
N GLU B 233 -15.65 -12.77 -52.41
CA GLU B 233 -14.67 -11.83 -52.92
C GLU B 233 -14.50 -10.62 -52.01
N GLU B 234 -13.35 -9.96 -52.17
CA GLU B 234 -12.90 -8.95 -51.22
C GLU B 234 -13.88 -7.79 -51.12
N ARG B 235 -14.54 -7.47 -52.23
CA ARG B 235 -15.44 -6.33 -52.20
C ARG B 235 -16.75 -6.61 -51.46
N GLU B 236 -17.06 -7.88 -51.19
CA GLU B 236 -18.27 -8.24 -50.46
C GLU B 236 -18.02 -8.59 -49.00
N LYS B 237 -16.77 -8.54 -48.53
CA LYS B 237 -16.52 -8.92 -47.13
C LYS B 237 -17.17 -7.94 -46.17
N ASN B 238 -17.13 -6.64 -46.48
CA ASN B 238 -17.67 -5.64 -45.57
C ASN B 238 -19.17 -5.83 -45.39
N ARG B 239 -19.88 -6.17 -46.46
CA ARG B 239 -21.32 -6.35 -46.40
C ARG B 239 -21.70 -7.67 -45.73
N LYS B 240 -21.03 -8.77 -46.10
CA LYS B 240 -21.31 -10.06 -45.47
C LYS B 240 -21.03 -10.01 -43.97
N LEU B 241 -19.98 -9.30 -43.56
CA LEU B 241 -19.68 -9.18 -42.14
C LEU B 241 -20.80 -8.46 -41.39
N ALA B 242 -21.31 -7.36 -41.97
CA ALA B 242 -22.39 -6.62 -41.33
C ALA B 242 -23.64 -7.49 -41.20
N GLN B 243 -23.91 -8.34 -42.19
CA GLN B 243 -25.05 -9.24 -42.11
C GLN B 243 -24.85 -10.29 -41.03
N LEU B 244 -23.65 -10.88 -40.96
CA LEU B 244 -23.37 -11.88 -39.93
C LEU B 244 -23.52 -11.30 -38.52
N LEU B 245 -22.99 -10.09 -38.30
CA LEU B 245 -23.07 -9.48 -36.98
C LEU B 245 -24.48 -9.06 -36.62
N ASP B 246 -25.36 -8.91 -37.61
CA ASP B 246 -26.75 -8.56 -37.36
C ASP B 246 -27.62 -9.78 -37.08
N ASP B 247 -27.27 -10.94 -37.65
CA ASP B 247 -28.08 -12.15 -37.54
C ASP B 247 -27.59 -13.09 -36.45
N LEU B 248 -26.28 -13.36 -36.41
CA LEU B 248 -25.74 -14.27 -35.41
C LEU B 248 -25.91 -13.70 -34.01
N GLU B 249 -26.09 -14.60 -33.03
CA GLU B 249 -26.26 -14.22 -31.63
C GLU B 249 -24.97 -14.59 -30.89
N PHE B 250 -24.13 -13.60 -30.64
CA PHE B 250 -22.86 -13.78 -29.96
C PHE B 250 -22.85 -12.94 -28.69
N ASN B 251 -22.00 -13.36 -27.74
CA ASN B 251 -21.78 -12.54 -26.56
C ASN B 251 -20.75 -11.46 -26.88
N GLN B 252 -19.54 -11.88 -27.25
CA GLN B 252 -18.51 -10.99 -27.78
C GLN B 252 -17.86 -11.67 -28.98
N VAL B 253 -17.39 -10.87 -29.92
CA VAL B 253 -16.79 -11.37 -31.15
C VAL B 253 -15.43 -10.72 -31.35
N ILE B 254 -14.47 -11.49 -31.82
CA ILE B 254 -13.18 -10.98 -32.25
C ILE B 254 -13.04 -11.24 -33.75
N ILE B 255 -12.58 -10.23 -34.49
CA ILE B 255 -12.48 -10.28 -35.94
C ILE B 255 -11.02 -10.05 -36.31
N PHE B 256 -10.41 -11.03 -36.96
CA PHE B 256 -8.98 -11.00 -37.27
C PHE B 256 -8.75 -10.49 -38.69
N VAL B 257 -7.83 -9.55 -38.84
CA VAL B 257 -7.46 -8.98 -40.13
C VAL B 257 -5.95 -9.14 -40.29
N LYS B 258 -5.51 -9.07 -41.55
CA LYS B 258 -4.11 -9.35 -41.89
C LYS B 258 -3.21 -8.12 -41.86
N SER B 259 -3.74 -6.93 -41.61
CA SER B 259 -2.90 -5.74 -41.60
C SER B 259 -3.46 -4.72 -40.62
N THR B 260 -2.65 -3.70 -40.34
CA THR B 260 -3.04 -2.65 -39.40
C THR B 260 -3.98 -1.64 -40.05
N THR B 261 -3.72 -1.27 -41.31
CA THR B 261 -4.61 -0.36 -42.02
C THR B 261 -6.00 -0.95 -42.20
N ARG B 262 -6.08 -2.22 -42.55
CA ARG B 262 -7.38 -2.85 -42.74
C ARG B 262 -8.12 -3.02 -41.42
N ALA B 263 -7.39 -3.09 -40.30
CA ALA B 263 -8.02 -3.08 -38.99
C ALA B 263 -8.67 -1.71 -38.71
N ASN B 264 -7.94 -0.64 -39.00
CA ASN B 264 -8.45 0.70 -38.67
C ASN B 264 -9.65 1.08 -39.54
N GLU B 265 -9.63 0.71 -40.82
CA GLU B 265 -10.73 1.06 -41.70
C GLU B 265 -11.95 0.18 -41.44
N LEU B 266 -11.74 -1.09 -41.10
CA LEU B 266 -12.86 -1.96 -40.75
C LEU B 266 -13.52 -1.52 -39.46
N THR B 267 -12.73 -1.18 -38.45
CA THR B 267 -13.29 -0.71 -37.19
C THR B 267 -14.04 0.60 -37.35
N LYS B 268 -13.54 1.47 -38.23
CA LYS B 268 -14.21 2.75 -38.45
C LYS B 268 -15.55 2.57 -39.15
N LEU B 269 -15.65 1.67 -40.13
CA LEU B 269 -16.93 1.48 -40.80
C LEU B 269 -17.90 0.69 -39.93
N LEU B 270 -17.37 -0.19 -39.06
CA LEU B 270 -18.25 -0.88 -38.11
C LEU B 270 -18.88 0.11 -37.14
N ASN B 271 -18.08 1.05 -36.63
CA ASN B 271 -18.62 2.08 -35.76
C ASN B 271 -19.56 3.02 -36.52
N ALA B 272 -19.33 3.20 -37.82
CA ALA B 272 -20.21 4.04 -38.63
C ALA B 272 -21.55 3.36 -38.90
N SER B 273 -21.57 2.03 -38.91
CA SER B 273 -22.78 1.25 -39.19
C SER B 273 -23.46 0.76 -37.92
N ASN B 274 -23.32 1.50 -36.82
CA ASN B 274 -23.94 1.16 -35.54
C ASN B 274 -23.55 -0.24 -35.07
N PHE B 275 -22.28 -0.59 -35.25
CA PHE B 275 -21.66 -1.76 -34.62
C PHE B 275 -20.50 -1.24 -33.77
N PRO B 276 -20.77 -0.82 -32.54
CA PRO B 276 -19.70 -0.25 -31.70
C PRO B 276 -18.59 -1.25 -31.47
N ALA B 277 -17.39 -0.89 -31.91
CA ALA B 277 -16.24 -1.78 -31.88
C ALA B 277 -14.99 -1.01 -31.52
N ILE B 278 -13.98 -1.75 -31.04
CA ILE B 278 -12.65 -1.21 -30.79
C ILE B 278 -11.65 -2.02 -31.61
N THR B 279 -10.44 -1.49 -31.72
CA THR B 279 -9.38 -2.17 -32.45
C THR B 279 -8.07 -2.06 -31.68
N VAL B 280 -7.32 -3.16 -31.67
CA VAL B 280 -6.01 -3.23 -31.02
C VAL B 280 -5.03 -3.86 -32.00
N HIS B 281 -3.88 -3.23 -32.15
CA HIS B 281 -2.84 -3.73 -33.05
C HIS B 281 -1.56 -2.97 -32.73
N GLY B 282 -0.50 -3.30 -33.45
CA GLY B 282 0.70 -2.49 -33.42
C GLY B 282 0.44 -1.15 -34.08
N HIS B 283 1.53 -0.41 -34.29
CA HIS B 283 1.53 0.90 -34.94
C HIS B 283 0.73 1.96 -34.17
N MET B 284 0.31 1.66 -32.95
CA MET B 284 -0.45 2.63 -32.16
C MET B 284 0.16 2.74 -30.77
N LYS B 285 -0.19 3.83 -30.09
CA LYS B 285 0.34 4.07 -28.76
C LYS B 285 -0.13 2.97 -27.80
N GLN B 286 0.69 2.71 -26.78
CA GLN B 286 0.34 1.62 -25.87
C GLN B 286 -0.75 1.99 -24.88
N GLU B 287 -0.78 3.25 -24.42
CA GLU B 287 -1.88 3.65 -23.55
C GLU B 287 -3.23 3.55 -24.26
N GLU B 288 -3.23 3.59 -25.60
CA GLU B 288 -4.46 3.35 -26.33
C GLU B 288 -4.71 1.85 -26.50
N ARG B 289 -3.66 1.07 -26.71
CA ARG B 289 -3.80 -0.38 -26.80
C ARG B 289 -4.40 -0.95 -25.51
N ILE B 290 -3.94 -0.48 -24.36
CA ILE B 290 -4.42 -0.99 -23.09
C ILE B 290 -5.84 -0.48 -22.82
N ALA B 291 -6.12 0.77 -23.16
CA ALA B 291 -7.44 1.34 -22.91
C ALA B 291 -8.52 0.58 -23.66
N ARG B 292 -8.26 0.21 -24.91
CA ARG B 292 -9.25 -0.55 -25.67
C ARG B 292 -9.24 -2.04 -25.29
N TYR B 293 -8.08 -2.58 -24.93
CA TYR B 293 -8.04 -3.95 -24.44
C TYR B 293 -8.92 -4.12 -23.21
N LYS B 294 -8.85 -3.18 -22.26
CA LYS B 294 -9.67 -3.26 -21.06
C LYS B 294 -11.13 -3.01 -21.37
N ALA B 295 -11.41 -2.07 -22.29
CA ALA B 295 -12.80 -1.80 -22.67
C ALA B 295 -13.47 -3.04 -23.24
N PHE B 296 -12.73 -3.82 -24.02
CA PHE B 296 -13.28 -5.05 -24.59
C PHE B 296 -13.35 -6.16 -23.54
N LYS B 297 -12.32 -6.26 -22.69
CA LYS B 297 -12.30 -7.27 -21.64
C LYS B 297 -13.38 -7.00 -20.59
N ASP B 298 -13.66 -5.73 -20.29
CA ASP B 298 -14.64 -5.38 -19.28
C ASP B 298 -16.04 -5.23 -19.86
N PHE B 299 -16.30 -5.81 -21.04
CA PHE B 299 -17.64 -5.93 -21.60
C PHE B 299 -18.29 -4.57 -21.86
N GLU B 300 -17.48 -3.57 -22.18
CA GLU B 300 -18.06 -2.28 -22.56
C GLU B 300 -18.39 -2.23 -24.06
N LYS B 301 -17.73 -3.04 -24.88
CA LYS B 301 -18.07 -3.18 -26.28
C LYS B 301 -17.98 -4.64 -26.68
N ARG B 302 -18.88 -5.05 -27.57
CA ARG B 302 -19.03 -6.46 -27.94
C ARG B 302 -18.17 -6.89 -29.12
N ILE B 303 -17.53 -5.96 -29.82
CA ILE B 303 -16.83 -6.28 -31.06
C ILE B 303 -15.39 -5.79 -30.94
N CYS B 304 -14.45 -6.63 -31.35
CA CYS B 304 -13.03 -6.29 -31.38
C CYS B 304 -12.43 -6.72 -32.71
N VAL B 305 -11.79 -5.78 -33.40
CA VAL B 305 -11.07 -6.03 -34.65
C VAL B 305 -9.59 -5.91 -34.35
N SER B 306 -8.81 -6.94 -34.68
CA SER B 306 -7.39 -6.88 -34.36
C SER B 306 -6.59 -7.76 -35.32
N THR B 307 -5.29 -7.54 -35.30
CA THR B 307 -4.34 -8.37 -36.03
C THR B 307 -4.00 -9.60 -35.20
N ASP B 308 -2.91 -10.27 -35.52
CA ASP B 308 -2.47 -11.44 -34.77
C ASP B 308 -1.88 -11.10 -33.41
N VAL B 309 -1.98 -9.83 -33.00
CA VAL B 309 -1.61 -9.43 -31.65
C VAL B 309 -2.48 -10.14 -30.62
N PHE B 310 -3.71 -10.49 -31.00
CA PHE B 310 -4.62 -11.25 -30.15
C PHE B 310 -4.83 -12.68 -30.65
N GLY B 311 -4.00 -13.15 -31.56
CA GLY B 311 -4.19 -14.48 -32.12
C GLY B 311 -3.90 -15.60 -31.15
N ARG B 312 -2.99 -15.37 -30.21
CA ARG B 312 -2.58 -16.39 -29.25
C ARG B 312 -2.81 -15.91 -27.83
N GLY B 313 -3.12 -16.85 -26.95
CA GLY B 313 -3.07 -16.62 -25.52
C GLY B 313 -4.19 -15.81 -24.89
N ILE B 314 -4.70 -14.80 -25.60
CA ILE B 314 -5.70 -13.91 -25.01
C ILE B 314 -6.90 -14.72 -24.55
N ASP B 315 -7.31 -14.49 -23.30
CA ASP B 315 -8.37 -15.28 -22.69
C ASP B 315 -9.49 -14.34 -22.23
N ILE B 316 -10.57 -14.29 -23.01
CA ILE B 316 -11.80 -13.58 -22.63
C ILE B 316 -12.96 -14.56 -22.83
N GLU B 317 -13.57 -15.02 -21.74
CA GLU B 317 -14.52 -16.11 -21.84
C GLU B 317 -15.88 -15.69 -22.41
N ARG B 318 -16.13 -14.38 -22.53
CA ARG B 318 -17.35 -13.96 -23.19
C ARG B 318 -17.23 -14.02 -24.71
N ILE B 319 -16.09 -14.40 -25.25
CA ILE B 319 -15.92 -14.54 -26.69
C ILE B 319 -16.41 -15.93 -27.10
N ASN B 320 -17.53 -15.99 -27.81
CA ASN B 320 -18.04 -17.24 -28.38
C ASN B 320 -18.14 -17.19 -29.90
N LEU B 321 -17.57 -16.16 -30.54
CA LEU B 321 -17.59 -16.03 -31.99
C LEU B 321 -16.27 -15.46 -32.45
N ALA B 322 -15.57 -16.19 -33.33
CA ALA B 322 -14.32 -15.75 -33.93
C ALA B 322 -14.50 -15.72 -35.44
N ILE B 323 -14.17 -14.59 -36.05
CA ILE B 323 -14.36 -14.38 -37.48
C ILE B 323 -13.01 -14.09 -38.12
N ASN B 324 -12.62 -14.92 -39.08
CA ASN B 324 -11.42 -14.68 -39.87
C ASN B 324 -11.80 -13.82 -41.07
N TYR B 325 -11.76 -12.50 -40.87
CA TYR B 325 -11.97 -11.59 -41.99
C TYR B 325 -10.90 -11.79 -43.04
N ASP B 326 -9.67 -12.08 -42.61
CA ASP B 326 -8.59 -12.54 -43.47
C ASP B 326 -8.07 -13.86 -42.94
N LEU B 327 -7.92 -14.84 -43.83
CA LEU B 327 -7.36 -16.10 -43.42
C LEU B 327 -5.84 -15.98 -43.25
N THR B 328 -5.28 -16.90 -42.47
CA THR B 328 -3.85 -16.86 -42.22
C THR B 328 -3.08 -17.55 -43.35
N ASN B 329 -1.76 -17.37 -43.33
CA ASN B 329 -0.88 -18.12 -44.22
C ASN B 329 -0.53 -19.48 -43.66
N GLU B 330 -0.77 -19.67 -42.36
CA GLU B 330 -0.37 -20.85 -41.62
C GLU B 330 -1.59 -21.57 -41.10
N ALA B 331 -1.48 -22.89 -40.96
CA ALA B 331 -2.53 -23.63 -40.28
C ALA B 331 -2.45 -23.47 -38.77
N ASP B 332 -1.23 -23.34 -38.24
CA ASP B 332 -1.05 -23.20 -36.79
C ASP B 332 -1.73 -21.95 -36.27
N GLN B 333 -1.52 -20.83 -36.95
CA GLN B 333 -2.09 -19.56 -36.48
C GLN B 333 -3.61 -19.57 -36.54
N TYR B 334 -4.19 -20.29 -37.51
CA TYR B 334 -5.64 -20.42 -37.54
C TYR B 334 -6.16 -21.14 -36.30
N LEU B 335 -5.46 -22.19 -35.86
CA LEU B 335 -5.90 -22.95 -34.70
C LEU B 335 -5.84 -22.10 -33.44
N HIS B 336 -4.81 -21.26 -33.31
CA HIS B 336 -4.75 -20.34 -32.18
C HIS B 336 -5.82 -19.26 -32.29
N ARG B 337 -6.08 -18.78 -33.51
CA ARG B 337 -7.08 -17.74 -33.71
C ARG B 337 -8.45 -18.20 -33.25
N VAL B 338 -8.94 -19.30 -33.83
CA VAL B 338 -10.25 -19.81 -33.44
C VAL B 338 -10.26 -20.25 -31.98
N GLY B 339 -9.09 -20.54 -31.42
CA GLY B 339 -8.98 -20.89 -30.01
C GLY B 339 -9.36 -19.77 -29.06
N ARG B 340 -9.47 -18.53 -29.56
CA ARG B 340 -9.89 -17.42 -28.71
C ARG B 340 -11.33 -17.54 -28.27
N ALA B 341 -12.13 -18.37 -28.93
CA ALA B 341 -13.54 -18.55 -28.61
C ALA B 341 -13.76 -19.91 -27.96
N GLY B 342 -14.77 -19.98 -27.10
CA GLY B 342 -15.10 -21.21 -26.40
C GLY B 342 -14.00 -21.66 -25.46
N ARG B 343 -13.54 -20.74 -24.61
CA ARG B 343 -12.41 -21.03 -23.75
C ARG B 343 -12.79 -22.04 -22.66
N PHE B 344 -11.82 -22.89 -22.31
CA PHE B 344 -12.00 -23.98 -21.35
C PHE B 344 -13.12 -24.93 -21.78
N GLY B 345 -13.03 -25.36 -23.04
CA GLY B 345 -13.93 -26.39 -23.55
C GLY B 345 -15.39 -26.00 -23.60
N THR B 346 -15.69 -24.70 -23.64
CA THR B 346 -17.06 -24.25 -23.80
C THR B 346 -17.40 -24.10 -25.27
N LYS B 347 -18.64 -23.72 -25.56
CA LYS B 347 -19.11 -23.65 -26.93
C LYS B 347 -18.71 -22.36 -27.61
N GLY B 348 -18.45 -22.46 -28.91
CA GLY B 348 -18.05 -21.32 -29.73
C GLY B 348 -18.31 -21.61 -31.18
N LEU B 349 -18.12 -20.57 -32.00
CA LEU B 349 -18.36 -20.62 -33.43
C LEU B 349 -17.29 -19.83 -34.16
N ALA B 350 -16.69 -20.45 -35.18
CA ALA B 350 -15.64 -19.83 -35.97
C ALA B 350 -16.06 -19.80 -37.44
N ILE B 351 -15.90 -18.65 -38.08
CA ILE B 351 -16.27 -18.46 -39.48
C ILE B 351 -15.13 -17.75 -40.19
N SER B 352 -14.68 -18.32 -41.31
CA SER B 352 -13.56 -17.79 -42.06
C SER B 352 -14.01 -17.38 -43.47
N PHE B 353 -13.44 -16.28 -43.96
CA PHE B 353 -13.70 -15.81 -45.32
C PHE B 353 -12.63 -16.35 -46.25
N VAL B 354 -13.06 -17.01 -47.32
CA VAL B 354 -12.15 -17.56 -48.33
C VAL B 354 -12.33 -16.74 -49.61
N SER B 355 -11.35 -15.90 -49.94
CA SER B 355 -11.49 -14.97 -51.05
C SER B 355 -10.37 -15.08 -52.09
N SER B 356 -9.50 -16.09 -52.00
CA SER B 356 -8.41 -16.21 -52.96
C SER B 356 -7.99 -17.68 -53.06
N LYS B 357 -7.05 -17.94 -53.97
CA LYS B 357 -6.54 -19.29 -54.12
C LYS B 357 -5.63 -19.67 -52.96
N GLU B 358 -4.88 -18.72 -52.41
CA GLU B 358 -4.09 -19.03 -51.23
C GLU B 358 -4.97 -19.31 -50.02
N ASP B 359 -6.20 -18.77 -50.01
CA ASP B 359 -7.13 -19.10 -48.94
C ASP B 359 -7.63 -20.53 -49.06
N GLU B 360 -7.80 -21.03 -50.28
CA GLU B 360 -8.26 -22.41 -50.44
C GLU B 360 -7.14 -23.40 -50.12
N GLU B 361 -5.88 -23.03 -50.36
CA GLU B 361 -4.79 -23.94 -49.99
C GLU B 361 -4.64 -24.03 -48.49
N VAL B 362 -4.74 -22.90 -47.79
CA VAL B 362 -4.58 -22.95 -46.34
C VAL B 362 -5.80 -23.57 -45.70
N LEU B 363 -6.99 -23.27 -46.22
CA LEU B 363 -8.22 -23.90 -45.74
C LEU B 363 -8.20 -25.40 -46.00
N ALA B 364 -7.66 -25.81 -47.15
CA ALA B 364 -7.52 -27.24 -47.42
C ALA B 364 -6.53 -27.90 -46.46
N LYS B 365 -5.43 -27.22 -46.16
CA LYS B 365 -4.38 -27.82 -45.36
C LYS B 365 -4.68 -27.77 -43.88
N ILE B 366 -5.62 -26.92 -43.46
CA ILE B 366 -6.05 -26.90 -42.06
C ILE B 366 -6.90 -28.11 -41.74
N GLN B 367 -7.81 -28.48 -42.67
CA GLN B 367 -8.77 -29.54 -42.38
C GLN B 367 -8.08 -30.90 -42.30
N GLU B 368 -7.15 -31.17 -43.22
CA GLU B 368 -6.39 -32.41 -43.17
C GLU B 368 -5.52 -32.48 -41.92
N ARG B 369 -4.83 -31.38 -41.58
CA ARG B 369 -3.82 -31.44 -40.53
C ARG B 369 -4.46 -31.74 -39.18
N PHE B 370 -5.64 -31.17 -38.92
CA PHE B 370 -6.32 -31.32 -37.65
C PHE B 370 -7.51 -32.28 -37.74
N ASP B 371 -7.65 -32.97 -38.87
CA ASP B 371 -8.77 -33.87 -39.16
C ASP B 371 -10.09 -33.30 -38.65
N VAL B 372 -10.40 -32.10 -39.14
CA VAL B 372 -11.65 -31.41 -38.87
C VAL B 372 -12.26 -30.99 -40.19
N LYS B 373 -13.58 -31.13 -40.30
CA LYS B 373 -14.29 -30.78 -41.53
C LYS B 373 -14.97 -29.43 -41.33
N ILE B 374 -14.46 -28.41 -42.01
CA ILE B 374 -15.04 -27.06 -41.96
C ILE B 374 -16.11 -26.99 -43.04
N ALA B 375 -17.38 -27.15 -42.65
CA ALA B 375 -18.46 -27.07 -43.60
C ALA B 375 -18.63 -25.63 -44.10
N GLU B 376 -19.23 -25.49 -45.28
CA GLU B 376 -19.56 -24.17 -45.79
C GLU B 376 -20.78 -23.64 -45.04
N PHE B 377 -20.71 -22.38 -44.64
CA PHE B 377 -21.75 -21.78 -43.82
C PHE B 377 -23.11 -21.91 -44.52
N PRO B 378 -24.07 -22.59 -43.92
CA PRO B 378 -25.35 -22.88 -44.60
C PRO B 378 -26.13 -21.61 -44.94
N GLU B 379 -26.84 -21.66 -46.08
CA GLU B 379 -27.69 -20.54 -46.49
C GLU B 379 -28.79 -20.29 -45.47
N GLU B 380 -29.14 -21.29 -44.66
CA GLU B 380 -30.24 -21.20 -43.71
C GLU B 380 -29.84 -20.57 -42.39
N GLY B 381 -28.56 -20.61 -42.03
CA GLY B 381 -28.12 -20.23 -40.71
C GLY B 381 -28.13 -21.41 -39.75
N ILE B 382 -27.54 -21.21 -38.58
CA ILE B 382 -27.42 -22.32 -37.65
C ILE B 382 -28.24 -21.97 -36.42
N ASP B 383 -28.72 -22.98 -35.72
CA ASP B 383 -29.47 -22.73 -34.49
C ASP B 383 -28.54 -22.14 -33.43
N PRO B 384 -28.95 -21.08 -32.73
CA PRO B 384 -28.11 -20.55 -31.65
C PRO B 384 -27.87 -21.54 -30.53
N SER B 385 -28.71 -22.56 -30.38
CA SER B 385 -28.55 -23.50 -29.27
C SER B 385 -27.24 -24.26 -29.35
N THR B 386 -26.71 -24.49 -30.57
CA THR B 386 -25.51 -25.29 -30.72
C THR B 386 -24.24 -24.59 -30.23
N TYR B 387 -24.32 -23.33 -29.81
CA TYR B 387 -23.13 -22.69 -29.24
C TYR B 387 -23.48 -21.78 -28.07
N LEU B 388 -24.54 -22.11 -27.33
CA LEU B 388 -24.89 -21.37 -26.12
C LEU B 388 -25.04 -22.30 -24.93
N PHE C 8 -27.02 -19.57 1.42
CA PHE C 8 -27.84 -18.46 0.93
C PHE C 8 -29.22 -18.90 0.52
N LYS C 9 -29.37 -20.21 0.36
CA LYS C 9 -30.60 -20.74 -0.22
C LYS C 9 -31.84 -20.61 0.64
N ASP C 10 -31.71 -20.27 1.92
CA ASP C 10 -32.91 -19.95 2.70
C ASP C 10 -33.62 -18.73 2.12
N PHE C 11 -32.97 -18.03 1.19
CA PHE C 11 -33.52 -16.92 0.42
C PHE C 11 -34.37 -17.39 -0.76
N LEU C 12 -34.32 -18.68 -1.10
CA LEU C 12 -35.11 -19.28 -2.17
C LEU C 12 -34.70 -18.69 -3.52
N LEU C 13 -33.44 -18.78 -3.89
CA LEU C 13 -32.96 -18.14 -5.11
C LEU C 13 -32.80 -19.13 -6.26
N LYS C 14 -32.72 -18.56 -7.46
CA LYS C 14 -32.53 -19.34 -8.68
C LYS C 14 -31.21 -20.10 -8.64
N PRO C 15 -31.14 -21.28 -9.27
CA PRO C 15 -29.85 -21.98 -9.35
C PRO C 15 -28.80 -21.23 -10.14
N GLU C 16 -29.19 -20.44 -11.14
CA GLU C 16 -28.19 -19.66 -11.88
C GLU C 16 -27.62 -18.56 -11.01
N LEU C 17 -28.45 -17.92 -10.19
CA LEU C 17 -27.96 -16.92 -9.23
C LEU C 17 -27.08 -17.59 -8.18
N SER C 18 -27.61 -18.62 -7.51
CA SER C 18 -26.85 -19.30 -6.46
C SER C 18 -25.53 -19.85 -6.97
N ARG C 19 -25.50 -20.36 -8.20
CA ARG C 19 -24.23 -20.85 -8.74
C ARG C 19 -23.28 -19.69 -8.96
N ALA C 20 -23.79 -18.55 -9.41
CA ALA C 20 -22.93 -17.38 -9.57
C ALA C 20 -22.45 -16.86 -8.21
N ILE C 21 -23.28 -16.97 -7.17
CA ILE C 21 -22.87 -16.52 -5.85
C ILE C 21 -21.67 -17.33 -5.36
N ILE C 22 -21.63 -18.62 -5.70
CA ILE C 22 -20.50 -19.46 -5.30
C ILE C 22 -19.29 -19.15 -6.17
N ASP C 23 -19.51 -18.72 -7.41
CA ASP C 23 -18.42 -18.38 -8.30
C ASP C 23 -17.69 -17.11 -7.90
N CYS C 24 -18.29 -16.30 -7.03
CA CYS C 24 -17.69 -15.05 -6.58
C CYS C 24 -16.82 -15.22 -5.34
N GLY C 25 -16.47 -16.46 -4.99
CA GLY C 25 -15.77 -16.72 -3.76
C GLY C 25 -16.63 -16.60 -2.53
N PHE C 26 -17.87 -16.12 -2.66
CA PHE C 26 -18.80 -16.04 -1.55
C PHE C 26 -19.10 -17.44 -1.03
N GLU C 27 -19.08 -17.60 0.29
CA GLU C 27 -19.57 -18.87 0.84
C GLU C 27 -20.46 -18.66 2.05
N HIS C 28 -20.32 -17.54 2.73
CA HIS C 28 -21.13 -17.33 3.90
C HIS C 28 -21.75 -15.95 3.82
N PRO C 29 -23.05 -15.84 3.95
CA PRO C 29 -23.70 -14.53 3.85
C PRO C 29 -23.47 -13.68 5.10
N SER C 30 -23.30 -12.36 4.91
CA SER C 30 -23.12 -11.37 5.98
C SER C 30 -24.44 -11.13 6.73
N GLU C 31 -24.43 -10.34 7.81
CA GLU C 31 -25.69 -10.34 8.57
C GLU C 31 -26.73 -9.39 7.97
N VAL C 32 -26.29 -8.32 7.30
CA VAL C 32 -27.22 -7.34 6.72
C VAL C 32 -28.11 -7.97 5.65
N GLN C 33 -27.58 -8.92 4.89
CA GLN C 33 -28.40 -9.51 3.83
C GLN C 33 -29.39 -10.54 4.38
N GLN C 34 -29.04 -11.25 5.46
CA GLN C 34 -29.97 -12.20 6.06
C GLN C 34 -31.21 -11.53 6.58
N HIS C 35 -31.07 -10.29 7.05
CA HIS C 35 -32.17 -9.53 7.59
C HIS C 35 -32.90 -8.73 6.52
N THR C 36 -32.36 -8.65 5.30
CA THR C 36 -32.93 -7.81 4.25
C THR C 36 -33.35 -8.59 3.01
N ILE C 37 -32.51 -9.52 2.54
CA ILE C 37 -32.80 -10.22 1.28
C ILE C 37 -34.11 -10.99 1.28
N PRO C 38 -34.42 -11.84 2.27
CA PRO C 38 -35.61 -12.70 2.14
C PRO C 38 -36.89 -11.93 1.85
N GLN C 39 -37.10 -10.81 2.52
CA GLN C 39 -38.30 -10.04 2.25
C GLN C 39 -38.16 -8.93 1.22
N SER C 40 -36.94 -8.57 0.83
CA SER C 40 -36.83 -7.72 -0.35
C SER C 40 -37.31 -8.47 -1.59
N ILE C 41 -37.19 -9.81 -1.61
CA ILE C 41 -37.67 -10.60 -2.73
C ILE C 41 -39.19 -10.49 -2.88
N HIS C 42 -39.91 -10.32 -1.76
CA HIS C 42 -41.35 -10.26 -1.84
C HIS C 42 -41.85 -8.89 -2.29
N GLY C 43 -40.95 -7.97 -2.63
CA GLY C 43 -41.28 -6.69 -3.23
C GLY C 43 -41.64 -5.57 -2.29
N THR C 44 -41.52 -5.76 -0.98
CA THR C 44 -41.83 -4.71 -0.03
C THR C 44 -40.67 -3.72 0.02
N ASP C 45 -41.00 -2.44 0.14
CA ASP C 45 -39.98 -1.39 0.14
C ASP C 45 -38.98 -1.58 1.27
N VAL C 46 -37.73 -1.20 1.00
CA VAL C 46 -36.61 -1.43 1.91
C VAL C 46 -35.81 -0.13 2.07
N LEU C 47 -35.55 0.24 3.33
CA LEU C 47 -34.59 1.30 3.66
C LEU C 47 -33.59 0.72 4.65
N CYS C 48 -32.37 0.48 4.20
CA CYS C 48 -31.42 -0.36 4.91
C CYS C 48 -30.16 0.43 5.29
N GLN C 49 -29.68 0.20 6.51
CA GLN C 49 -28.43 0.78 6.99
C GLN C 49 -27.53 -0.31 7.53
N ALA C 50 -26.27 -0.30 7.11
CA ALA C 50 -25.27 -1.25 7.59
C ALA C 50 -23.90 -0.59 7.49
N LYS C 51 -22.97 -1.06 8.31
CA LYS C 51 -21.66 -0.41 8.35
C LYS C 51 -20.89 -0.67 7.06
N SER C 52 -19.82 0.09 6.88
CA SER C 52 -19.10 0.13 5.61
C SER C 52 -18.52 -1.23 5.22
N GLY C 53 -18.81 -1.65 3.99
CA GLY C 53 -18.12 -2.76 3.35
C GLY C 53 -18.57 -4.15 3.74
N LEU C 54 -19.71 -4.31 4.41
CA LEU C 54 -20.17 -5.64 4.77
C LEU C 54 -21.22 -6.19 3.80
N GLY C 55 -21.27 -5.67 2.58
CA GLY C 55 -22.05 -6.28 1.52
C GLY C 55 -23.47 -5.81 1.35
N LYS C 56 -23.69 -4.50 1.27
CA LYS C 56 -25.02 -3.99 0.93
C LYS C 56 -25.30 -4.06 -0.56
N THR C 57 -24.26 -4.09 -1.40
CA THR C 57 -24.47 -4.19 -2.84
C THR C 57 -25.12 -5.51 -3.21
N ALA C 58 -24.60 -6.61 -2.66
CA ALA C 58 -25.14 -7.93 -2.96
C ALA C 58 -26.61 -8.06 -2.57
N VAL C 59 -27.10 -7.21 -1.66
CA VAL C 59 -28.51 -7.28 -1.29
C VAL C 59 -29.39 -6.93 -2.48
N PHE C 60 -29.27 -5.70 -2.99
CA PHE C 60 -30.17 -5.28 -4.07
C PHE C 60 -29.76 -5.87 -5.42
N VAL C 61 -28.53 -6.34 -5.58
CA VAL C 61 -28.16 -6.99 -6.83
C VAL C 61 -28.81 -8.37 -6.91
N LEU C 62 -28.59 -9.20 -5.88
CA LEU C 62 -29.17 -10.54 -5.88
C LEU C 62 -30.69 -10.49 -5.74
N SER C 63 -31.22 -9.51 -5.02
CA SER C 63 -32.66 -9.45 -4.82
C SER C 63 -33.38 -9.04 -6.09
N THR C 64 -32.90 -8.00 -6.76
CA THR C 64 -33.55 -7.55 -7.99
C THR C 64 -33.44 -8.58 -9.11
N LEU C 65 -32.29 -9.25 -9.26
CA LEU C 65 -32.20 -10.21 -10.36
C LEU C 65 -33.12 -11.41 -10.15
N GLN C 66 -33.38 -11.78 -8.90
CA GLN C 66 -34.24 -12.93 -8.68
C GLN C 66 -35.68 -12.55 -8.98
N GLN C 67 -36.09 -11.34 -8.58
CA GLN C 67 -37.40 -10.85 -8.97
C GLN C 67 -37.45 -10.52 -10.45
N LEU C 68 -36.30 -10.25 -11.07
CA LEU C 68 -36.27 -9.96 -12.49
C LEU C 68 -36.55 -11.22 -13.28
N ASP C 69 -37.52 -11.13 -14.18
CA ASP C 69 -37.69 -12.11 -15.26
C ASP C 69 -37.53 -11.34 -16.55
N PRO C 70 -36.43 -11.52 -17.27
CA PRO C 70 -36.07 -10.56 -18.32
C PRO C 70 -37.10 -10.53 -19.44
N VAL C 71 -37.57 -9.32 -19.75
CA VAL C 71 -38.42 -9.05 -20.90
C VAL C 71 -37.58 -8.29 -21.92
N PRO C 72 -37.45 -8.78 -23.15
CA PRO C 72 -36.53 -8.16 -24.12
C PRO C 72 -36.89 -6.70 -24.41
N GLY C 73 -35.87 -5.85 -24.40
CA GLY C 73 -36.00 -4.45 -24.76
C GLY C 73 -36.62 -3.55 -23.72
N GLU C 74 -36.87 -4.04 -22.50
CA GLU C 74 -37.61 -3.29 -21.50
C GLU C 74 -36.80 -3.18 -20.21
N VAL C 75 -36.62 -1.95 -19.74
CA VAL C 75 -35.88 -1.71 -18.50
C VAL C 75 -36.80 -2.02 -17.31
N ALA C 76 -36.35 -2.94 -16.45
CA ALA C 76 -37.09 -3.31 -15.27
C ALA C 76 -36.49 -2.77 -13.97
N VAL C 77 -35.18 -2.56 -13.92
CA VAL C 77 -34.48 -2.19 -12.69
C VAL C 77 -33.67 -0.93 -12.94
N VAL C 78 -33.72 0.01 -11.99
CA VAL C 78 -32.96 1.25 -12.06
C VAL C 78 -32.22 1.43 -10.73
N VAL C 79 -30.91 1.69 -10.82
CA VAL C 79 -30.06 1.92 -9.66
C VAL C 79 -29.37 3.27 -9.82
N ILE C 80 -29.41 4.08 -8.76
CA ILE C 80 -28.85 5.42 -8.78
C ILE C 80 -27.73 5.52 -7.75
N CYS C 81 -26.62 6.15 -8.16
CA CYS C 81 -25.50 6.44 -7.27
C CYS C 81 -25.21 7.94 -7.29
N ASN C 82 -24.14 8.32 -6.59
CA ASN C 82 -23.72 9.72 -6.53
C ASN C 82 -22.49 10.00 -7.37
N ALA C 83 -21.73 8.97 -7.74
CA ALA C 83 -20.48 9.14 -8.46
C ALA C 83 -20.47 8.22 -9.67
N ARG C 84 -19.74 8.63 -10.70
CA ARG C 84 -19.75 7.90 -11.97
C ARG C 84 -19.03 6.56 -11.85
N GLU C 85 -17.86 6.54 -11.21
CA GLU C 85 -17.11 5.30 -11.08
C GLU C 85 -17.82 4.30 -10.18
N LEU C 86 -18.57 4.77 -9.18
CA LEU C 86 -19.34 3.86 -8.34
C LEU C 86 -20.43 3.17 -9.15
N ALA C 87 -21.08 3.89 -10.06
CA ALA C 87 -22.07 3.28 -10.94
C ALA C 87 -21.42 2.22 -11.83
N TYR C 88 -20.22 2.51 -12.34
CA TYR C 88 -19.50 1.51 -13.11
C TYR C 88 -19.21 0.27 -12.28
N GLN C 89 -18.87 0.45 -11.01
CA GLN C 89 -18.58 -0.68 -10.13
C GLN C 89 -19.81 -1.54 -9.90
N ILE C 90 -20.96 -0.91 -9.66
CA ILE C 90 -22.18 -1.67 -9.35
C ILE C 90 -22.62 -2.49 -10.55
N ARG C 91 -22.56 -1.92 -11.76
CA ARG C 91 -22.95 -2.67 -12.95
C ARG C 91 -22.04 -3.86 -13.20
N ASN C 92 -20.74 -3.70 -12.92
CA ASN C 92 -19.84 -4.83 -13.09
C ASN C 92 -20.14 -5.91 -12.05
N GLU C 93 -20.71 -5.51 -10.92
CA GLU C 93 -21.21 -6.48 -9.95
C GLU C 93 -22.47 -7.15 -10.47
N TYR C 94 -23.34 -6.39 -11.16
CA TYR C 94 -24.49 -6.98 -11.82
C TYR C 94 -24.06 -8.00 -12.88
N LEU C 95 -23.00 -7.67 -13.62
CA LEU C 95 -22.50 -8.59 -14.64
C LEU C 95 -21.99 -9.88 -14.00
N ARG C 96 -21.37 -9.75 -12.82
CA ARG C 96 -20.75 -10.90 -12.16
C ARG C 96 -21.77 -11.83 -11.54
N PHE C 97 -22.91 -11.30 -11.07
CA PHE C 97 -23.96 -12.15 -10.52
C PHE C 97 -24.98 -12.61 -11.54
N SER C 98 -25.14 -11.89 -12.65
CA SER C 98 -25.92 -12.34 -13.79
C SER C 98 -25.08 -13.16 -14.77
N LYS C 99 -23.99 -13.76 -14.29
CA LYS C 99 -23.09 -14.51 -15.15
C LYS C 99 -23.82 -15.59 -15.93
N TYR C 100 -24.69 -16.35 -15.26
CA TYR C 100 -25.41 -17.46 -15.89
C TYR C 100 -26.86 -17.12 -16.16
N MET C 101 -27.18 -15.84 -16.27
CA MET C 101 -28.50 -15.40 -16.72
C MET C 101 -28.27 -14.71 -18.05
N PRO C 102 -28.19 -15.47 -19.14
CA PRO C 102 -27.75 -14.87 -20.42
C PRO C 102 -28.72 -13.86 -20.99
N ASP C 103 -30.02 -13.96 -20.70
CA ASP C 103 -30.97 -13.01 -21.25
C ASP C 103 -30.81 -11.62 -20.65
N VAL C 104 -30.29 -11.54 -19.42
CA VAL C 104 -30.21 -10.26 -18.72
C VAL C 104 -29.12 -9.39 -19.35
N LYS C 105 -29.45 -8.10 -19.55
CA LYS C 105 -28.52 -7.12 -20.08
C LYS C 105 -28.49 -5.91 -19.16
N THR C 106 -27.29 -5.38 -18.90
CA THR C 106 -27.11 -4.25 -18.00
C THR C 106 -26.31 -3.16 -18.69
N ALA C 107 -26.53 -1.91 -18.27
CA ALA C 107 -25.85 -0.76 -18.85
C ALA C 107 -25.56 0.28 -17.78
N VAL C 108 -24.58 1.15 -18.07
CA VAL C 108 -24.23 2.27 -17.21
C VAL C 108 -24.33 3.55 -18.02
N PHE C 109 -24.78 4.61 -17.36
CA PHE C 109 -24.90 5.92 -18.00
C PHE C 109 -24.41 6.98 -17.02
N TYR C 110 -23.53 7.85 -17.50
CA TYR C 110 -23.04 8.96 -16.69
C TYR C 110 -22.51 10.03 -17.62
N GLY C 111 -22.20 11.19 -17.05
CA GLY C 111 -21.70 12.31 -17.83
C GLY C 111 -20.32 12.05 -18.40
N GLY C 112 -19.88 12.98 -19.24
CA GLY C 112 -18.59 12.89 -19.87
C GLY C 112 -18.59 12.21 -21.22
N THR C 113 -19.70 11.61 -21.63
CA THR C 113 -19.83 10.92 -22.90
C THR C 113 -20.92 11.58 -23.74
N PRO C 114 -20.78 11.58 -25.07
CA PRO C 114 -21.87 12.09 -25.91
C PRO C 114 -23.12 11.26 -25.68
N ILE C 115 -24.23 11.95 -25.42
CA ILE C 115 -25.46 11.25 -25.07
C ILE C 115 -26.06 10.51 -26.26
N SER C 116 -25.65 10.85 -27.49
CA SER C 116 -26.15 10.11 -28.64
C SER C 116 -25.74 8.65 -28.58
N LYS C 117 -24.58 8.37 -27.98
CA LYS C 117 -24.07 7.00 -27.92
C LYS C 117 -24.93 6.12 -27.02
N ASP C 118 -25.41 6.70 -25.91
CA ASP C 118 -26.30 5.97 -25.01
C ASP C 118 -27.65 5.70 -25.67
N ALA C 119 -28.12 6.64 -26.49
CA ALA C 119 -29.39 6.45 -27.19
C ALA C 119 -29.31 5.24 -28.11
N GLU C 120 -28.20 5.09 -28.84
CA GLU C 120 -28.05 3.94 -29.72
C GLU C 120 -27.92 2.64 -28.93
N LEU C 121 -27.19 2.67 -27.81
CA LEU C 121 -27.05 1.49 -26.98
C LEU C 121 -28.38 1.05 -26.39
N LEU C 122 -29.30 2.00 -26.16
CA LEU C 122 -30.60 1.65 -25.59
C LEU C 122 -31.49 0.94 -26.60
N LYS C 123 -31.43 1.34 -27.87
CA LYS C 123 -32.29 0.75 -28.88
C LYS C 123 -31.63 -0.40 -29.64
N ASN C 124 -30.32 -0.59 -29.50
CA ASN C 124 -29.66 -1.71 -30.16
C ASN C 124 -30.04 -3.01 -29.46
N LYS C 125 -30.40 -4.02 -30.27
CA LYS C 125 -31.07 -5.20 -29.75
C LYS C 125 -30.19 -6.02 -28.82
N ASP C 126 -28.87 -5.88 -28.92
CA ASP C 126 -27.96 -6.63 -28.07
C ASP C 126 -27.60 -5.88 -26.79
N THR C 127 -27.85 -4.57 -26.76
CA THR C 127 -27.46 -3.74 -25.64
C THR C 127 -28.65 -3.11 -24.93
N ALA C 128 -29.88 -3.33 -25.41
CA ALA C 128 -31.08 -2.85 -24.75
C ALA C 128 -31.11 -3.41 -23.33
N PRO C 129 -30.96 -2.56 -22.32
CA PRO C 129 -30.74 -3.08 -20.96
C PRO C 129 -32.02 -3.40 -20.21
N HIS C 130 -31.96 -4.48 -19.44
CA HIS C 130 -32.98 -4.77 -18.43
C HIS C 130 -32.66 -4.12 -17.10
N ILE C 131 -31.40 -3.77 -16.87
CA ILE C 131 -30.93 -3.16 -15.63
C ILE C 131 -30.09 -1.94 -16.00
N VAL C 132 -30.44 -0.80 -15.42
CA VAL C 132 -29.77 0.46 -15.73
C VAL C 132 -29.19 1.03 -14.44
N VAL C 133 -27.87 1.19 -14.42
CA VAL C 133 -27.17 1.90 -13.36
C VAL C 133 -26.76 3.25 -13.90
N ALA C 134 -26.92 4.30 -13.09
CA ALA C 134 -26.65 5.64 -13.58
C ALA C 134 -26.50 6.62 -12.42
N THR C 135 -25.90 7.79 -12.74
CA THR C 135 -25.84 9.03 -11.97
C THR C 135 -27.05 9.90 -12.30
N PRO C 136 -27.50 10.74 -11.35
CA PRO C 136 -28.77 11.46 -11.57
C PRO C 136 -28.76 12.39 -12.77
N GLY C 137 -27.62 13.00 -13.10
CA GLY C 137 -27.59 13.98 -14.18
C GLY C 137 -27.89 13.36 -15.52
N ARG C 138 -27.19 12.26 -15.86
CA ARG C 138 -27.36 11.65 -17.17
C ARG C 138 -28.70 10.94 -17.29
N LEU C 139 -29.15 10.27 -16.23
CA LEU C 139 -30.41 9.55 -16.29
C LEU C 139 -31.59 10.50 -16.45
N LYS C 140 -31.54 11.66 -15.79
CA LYS C 140 -32.54 12.68 -16.06
C LYS C 140 -32.39 13.20 -17.49
N ALA C 141 -31.14 13.34 -17.94
CA ALA C 141 -30.86 13.73 -19.31
C ALA C 141 -31.23 12.64 -20.31
N LEU C 142 -31.46 11.41 -19.85
CA LEU C 142 -32.00 10.37 -20.71
C LEU C 142 -33.52 10.33 -20.66
N VAL C 143 -34.11 10.64 -19.50
CA VAL C 143 -35.57 10.62 -19.37
C VAL C 143 -36.19 11.80 -20.08
N ARG C 144 -35.54 12.98 -20.01
CA ARG C 144 -36.22 14.17 -20.48
C ARG C 144 -36.22 14.33 -22.00
N GLU C 145 -35.21 13.90 -22.77
CA GLU C 145 -35.49 13.86 -24.20
C GLU C 145 -35.84 12.41 -24.63
N LYS C 146 -36.23 11.55 -23.68
CA LYS C 146 -36.82 10.23 -23.97
C LYS C 146 -35.96 9.31 -24.84
N TYR C 147 -34.66 9.29 -24.57
CA TYR C 147 -33.85 8.23 -25.12
C TYR C 147 -34.08 6.92 -24.40
N ILE C 148 -34.65 6.97 -23.19
CA ILE C 148 -34.98 5.81 -22.38
C ILE C 148 -36.43 5.96 -21.93
N ASP C 149 -37.11 4.83 -21.80
CA ASP C 149 -38.49 4.79 -21.33
C ASP C 149 -38.55 3.98 -20.05
N LEU C 150 -39.01 4.62 -18.98
CA LEU C 150 -39.09 4.01 -17.66
C LEU C 150 -40.55 3.86 -17.21
N SER C 151 -41.48 3.68 -18.15
CA SER C 151 -42.88 3.49 -17.83
C SER C 151 -43.15 2.15 -17.18
N HIS C 152 -42.12 1.30 -17.05
CA HIS C 152 -42.32 -0.08 -16.64
C HIS C 152 -41.36 -0.53 -15.54
N VAL C 153 -40.67 0.39 -14.87
CA VAL C 153 -39.67 -0.02 -13.88
C VAL C 153 -40.36 -0.77 -12.75
N LYS C 154 -39.80 -1.93 -12.39
CA LYS C 154 -40.33 -2.70 -11.28
C LYS C 154 -39.46 -2.65 -10.04
N ASN C 155 -38.18 -2.26 -10.17
CA ASN C 155 -37.28 -2.12 -9.03
C ASN C 155 -36.53 -0.80 -9.17
N PHE C 156 -36.63 0.04 -8.14
CA PHE C 156 -35.95 1.34 -8.09
C PHE C 156 -35.06 1.35 -6.87
N VAL C 157 -33.75 1.45 -7.08
CA VAL C 157 -32.77 1.40 -6.01
C VAL C 157 -32.00 2.71 -5.97
N ILE C 158 -31.80 3.25 -4.77
CA ILE C 158 -30.97 4.42 -4.54
C ILE C 158 -29.89 4.03 -3.55
N ASP C 159 -28.65 3.92 -4.02
CA ASP C 159 -27.52 3.64 -3.17
C ASP C 159 -26.89 4.94 -2.70
N GLU C 160 -26.33 4.92 -1.49
CA GLU C 160 -25.87 6.13 -0.81
C GLU C 160 -26.98 7.16 -0.79
N CYS C 161 -28.17 6.72 -0.39
CA CYS C 161 -29.38 7.52 -0.54
C CYS C 161 -29.34 8.80 0.29
N ASP C 162 -28.65 8.78 1.43
CA ASP C 162 -28.57 9.99 2.24
C ASP C 162 -27.81 11.10 1.52
N LYS C 163 -26.73 10.73 0.81
CA LYS C 163 -25.98 11.72 0.04
C LYS C 163 -26.72 12.10 -1.25
N VAL C 164 -27.46 11.16 -1.84
CA VAL C 164 -28.14 11.43 -3.11
C VAL C 164 -29.30 12.38 -2.89
N LEU C 165 -30.02 12.23 -1.77
CA LEU C 165 -31.24 12.98 -1.55
C LEU C 165 -31.04 14.24 -0.70
N GLU C 166 -29.91 14.37 0.00
CA GLU C 166 -29.65 15.59 0.75
C GLU C 166 -28.96 16.65 -0.08
N GLU C 167 -28.11 16.26 -1.03
CA GLU C 167 -27.67 17.21 -2.04
C GLU C 167 -28.85 17.46 -2.95
N LEU C 168 -29.28 18.71 -3.06
CA LEU C 168 -30.62 18.93 -3.58
C LEU C 168 -30.66 19.05 -5.10
N ASP C 169 -29.54 19.35 -5.76
CA ASP C 169 -29.54 19.34 -7.22
C ASP C 169 -29.64 17.92 -7.76
N MET C 170 -28.99 16.97 -7.10
CA MET C 170 -29.16 15.56 -7.47
C MET C 170 -30.54 15.08 -7.09
N ARG C 171 -31.11 15.62 -6.01
CA ARG C 171 -32.44 15.21 -5.57
C ARG C 171 -33.52 15.61 -6.57
N ARG C 172 -33.46 16.83 -7.11
CA ARG C 172 -34.47 17.23 -8.09
C ARG C 172 -34.51 16.29 -9.26
N ASP C 173 -33.34 15.93 -9.79
CA ASP C 173 -33.29 15.05 -10.93
C ASP C 173 -33.85 13.69 -10.58
N VAL C 174 -33.42 13.14 -9.44
CA VAL C 174 -33.74 11.76 -9.10
C VAL C 174 -35.24 11.52 -9.06
N GLN C 175 -36.01 12.48 -8.56
CA GLN C 175 -37.46 12.28 -8.57
C GLN C 175 -38.08 12.62 -9.92
N GLU C 176 -37.46 13.47 -10.73
CA GLU C 176 -37.94 13.61 -12.10
C GLU C 176 -37.82 12.28 -12.82
N ILE C 177 -36.75 11.54 -12.55
CA ILE C 177 -36.68 10.15 -12.96
C ILE C 177 -37.71 9.33 -12.20
N PHE C 178 -37.85 9.60 -10.90
CA PHE C 178 -38.81 8.88 -10.06
C PHE C 178 -40.26 9.27 -10.37
N ARG C 179 -40.50 10.36 -11.08
CA ARG C 179 -41.88 10.64 -11.48
C ARG C 179 -42.18 10.15 -12.88
N ALA C 180 -41.18 9.65 -13.60
CA ALA C 180 -41.37 8.99 -14.88
C ALA C 180 -41.55 7.48 -14.73
N THR C 181 -41.55 6.96 -13.49
CA THR C 181 -41.69 5.55 -13.21
C THR C 181 -43.13 5.27 -12.77
N PRO C 182 -43.60 4.04 -13.00
CA PRO C 182 -44.90 3.65 -12.44
C PRO C 182 -44.84 3.61 -10.92
N ARG C 183 -45.97 3.87 -10.30
CA ARG C 183 -46.08 3.62 -8.88
C ARG C 183 -46.20 2.12 -8.70
N ASP C 184 -46.45 1.68 -7.47
CA ASP C 184 -46.64 0.25 -7.19
C ASP C 184 -45.43 -0.56 -7.65
N LYS C 185 -44.23 -0.03 -7.44
CA LYS C 185 -43.01 -0.79 -7.67
C LYS C 185 -42.24 -0.84 -6.35
N GLN C 186 -41.29 -1.76 -6.28
CA GLN C 186 -40.43 -1.82 -5.12
C GLN C 186 -39.32 -0.78 -5.22
N VAL C 187 -39.11 -0.03 -4.14
CA VAL C 187 -38.05 0.95 -4.05
C VAL C 187 -37.20 0.59 -2.84
N MET C 188 -35.88 0.57 -3.04
CA MET C 188 -34.96 0.19 -1.98
C MET C 188 -33.87 1.25 -1.87
N MET C 189 -33.47 1.55 -0.64
CA MET C 189 -32.46 2.56 -0.37
C MET C 189 -31.43 2.01 0.60
N PHE C 190 -30.16 2.32 0.33
CA PHE C 190 -29.05 1.79 1.11
C PHE C 190 -28.06 2.91 1.38
N SER C 191 -27.48 2.89 2.58
CA SER C 191 -26.44 3.82 2.98
C SER C 191 -25.87 3.34 4.31
N ALA C 192 -24.58 3.60 4.52
CA ALA C 192 -23.97 3.30 5.80
C ALA C 192 -24.33 4.31 6.88
N THR C 193 -24.81 5.48 6.50
CA THR C 193 -25.14 6.56 7.44
C THR C 193 -26.54 7.08 7.13
N LEU C 194 -27.47 6.87 8.07
CA LEU C 194 -28.83 7.43 7.97
C LEU C 194 -29.17 8.13 9.28
N SER C 195 -28.78 9.40 9.38
CA SER C 195 -29.11 10.19 10.56
C SER C 195 -30.62 10.42 10.61
N GLN C 196 -31.09 10.89 11.77
CA GLN C 196 -32.54 11.12 11.90
C GLN C 196 -33.05 12.19 10.95
N GLU C 197 -32.22 13.11 10.49
CA GLU C 197 -32.74 14.20 9.68
C GLU C 197 -33.00 13.78 8.25
N ILE C 198 -32.39 12.69 7.78
CA ILE C 198 -32.54 12.24 6.41
C ILE C 198 -33.61 11.16 6.24
N ARG C 199 -33.94 10.41 7.28
CA ARG C 199 -34.94 9.38 7.09
C ARG C 199 -36.33 9.89 6.71
N PRO C 200 -36.85 11.00 7.27
CA PRO C 200 -38.13 11.48 6.76
C PRO C 200 -38.12 11.76 5.27
N ILE C 201 -37.01 12.32 4.76
CA ILE C 201 -36.89 12.56 3.32
C ILE C 201 -36.91 11.25 2.56
N CYS C 202 -36.28 10.21 3.11
CA CYS C 202 -36.34 8.90 2.47
C CYS C 202 -37.76 8.36 2.44
N ARG C 203 -38.47 8.45 3.58
CA ARG C 203 -39.79 7.84 3.74
C ARG C 203 -40.79 8.29 2.69
N ARG C 204 -40.53 9.40 2.01
CA ARG C 204 -41.42 9.96 1.01
C ARG C 204 -41.32 9.27 -0.35
N PHE C 205 -40.39 8.33 -0.52
CA PHE C 205 -40.33 7.51 -1.73
C PHE C 205 -40.77 6.08 -1.47
N LEU C 206 -40.89 5.68 -0.21
CA LEU C 206 -41.28 4.32 0.15
C LEU C 206 -42.74 4.30 0.57
N GLN C 207 -43.32 3.10 0.55
CA GLN C 207 -44.66 2.85 1.05
C GLN C 207 -44.63 1.57 1.87
N ASN C 208 -44.93 1.69 3.15
CA ASN C 208 -44.86 0.57 4.09
C ASN C 208 -43.48 -0.13 4.00
N PRO C 209 -42.40 0.57 4.35
CA PRO C 209 -41.07 -0.04 4.16
C PRO C 209 -40.59 -0.86 5.34
N LEU C 210 -39.80 -1.88 5.02
CA LEU C 210 -39.00 -2.58 6.01
C LEU C 210 -37.74 -1.76 6.29
N GLU C 211 -37.57 -1.36 7.55
CA GLU C 211 -36.51 -0.44 7.95
C GLU C 211 -35.55 -1.14 8.90
N ILE C 212 -34.31 -1.32 8.47
CA ILE C 212 -33.26 -1.90 9.29
C ILE C 212 -32.22 -0.82 9.54
N PHE C 213 -32.06 -0.44 10.80
CA PHE C 213 -31.20 0.68 11.18
C PHE C 213 -30.17 0.24 12.20
N VAL C 214 -29.09 1.02 12.28
CA VAL C 214 -28.17 0.95 13.40
C VAL C 214 -28.29 2.27 14.14
N ASP C 215 -29.25 2.31 15.07
CA ASP C 215 -29.50 3.50 15.85
C ASP C 215 -28.42 3.68 16.91
N ASP C 216 -27.84 2.59 17.40
CA ASP C 216 -26.67 2.68 18.25
C ASP C 216 -25.48 2.86 17.31
N GLU C 217 -25.18 4.13 16.99
CA GLU C 217 -24.17 4.44 16.00
C GLU C 217 -22.76 4.05 16.44
N ALA C 218 -22.61 3.55 17.68
CA ALA C 218 -21.36 2.94 18.11
C ALA C 218 -21.05 1.65 17.36
N LYS C 219 -22.08 1.03 16.76
CA LYS C 219 -21.93 -0.17 15.95
C LYS C 219 -21.85 0.17 14.46
N LEU C 220 -21.31 1.34 14.14
CA LEU C 220 -20.86 1.71 12.80
C LEU C 220 -19.35 1.82 12.69
N THR C 221 -18.61 1.60 13.77
CA THR C 221 -17.16 1.66 13.75
C THR C 221 -16.60 0.29 13.42
N LEU C 222 -15.70 0.24 12.44
CA LEU C 222 -15.08 -1.02 12.03
C LEU C 222 -14.06 -1.45 13.08
N HIS C 223 -14.26 -2.64 13.66
CA HIS C 223 -13.39 -3.11 14.72
C HIS C 223 -11.97 -3.37 14.23
N GLY C 224 -11.82 -3.73 12.96
CA GLY C 224 -10.51 -3.95 12.36
C GLY C 224 -9.84 -2.73 11.80
N LEU C 225 -10.43 -1.55 11.97
CA LEU C 225 -9.91 -0.31 11.39
C LEU C 225 -9.26 0.53 12.48
N GLN C 226 -7.96 0.75 12.37
CA GLN C 226 -7.22 1.61 13.29
C GLN C 226 -7.31 3.04 12.80
N GLN C 227 -7.74 3.94 13.69
CA GLN C 227 -7.97 5.33 13.34
C GLN C 227 -7.05 6.22 14.18
N TYR C 228 -6.30 7.09 13.51
CA TYR C 228 -5.38 8.01 14.16
C TYR C 228 -5.52 9.39 13.55
N TYR C 229 -4.98 10.40 14.24
CA TYR C 229 -4.93 11.75 13.72
C TYR C 229 -3.56 12.35 14.02
N ILE C 230 -3.16 13.32 13.21
CA ILE C 230 -1.91 14.04 13.38
C ILE C 230 -2.21 15.54 13.33
N LYS C 231 -1.83 16.25 14.38
CA LYS C 231 -2.04 17.69 14.48
C LYS C 231 -0.78 18.39 13.95
N LEU C 232 -0.92 19.07 12.81
CA LEU C 232 0.21 19.70 12.14
C LEU C 232 -0.30 20.93 11.40
N GLU C 233 0.61 21.62 10.73
CA GLU C 233 0.24 22.79 9.95
C GLU C 233 0.18 22.46 8.47
N GLU C 234 -0.49 23.33 7.72
CA GLU C 234 -0.75 23.05 6.31
C GLU C 234 0.56 22.93 5.56
N ARG C 235 1.59 23.68 5.97
CA ARG C 235 2.86 23.67 5.27
C ARG C 235 3.63 22.38 5.52
N GLU C 236 3.24 21.60 6.53
CA GLU C 236 3.93 20.38 6.90
C GLU C 236 3.24 19.13 6.39
N LYS C 237 2.10 19.27 5.70
CA LYS C 237 1.36 18.10 5.25
C LYS C 237 2.14 17.32 4.19
N ASN C 238 2.79 18.02 3.26
CA ASN C 238 3.47 17.35 2.15
C ASN C 238 4.59 16.44 2.64
N ARG C 239 5.44 16.94 3.52
CA ARG C 239 6.57 16.11 3.96
C ARG C 239 6.20 15.15 5.08
N LYS C 240 5.12 15.41 5.81
CA LYS C 240 4.60 14.40 6.73
C LYS C 240 4.02 13.22 5.95
N LEU C 241 3.32 13.49 4.85
CA LEU C 241 2.78 12.42 4.03
C LEU C 241 3.91 11.58 3.42
N ALA C 242 4.96 12.25 2.95
CA ALA C 242 6.09 11.53 2.35
C ALA C 242 6.74 10.58 3.36
N GLN C 243 6.83 11.00 4.62
CA GLN C 243 7.38 10.11 5.64
C GLN C 243 6.44 8.95 5.91
N LEU C 244 5.13 9.22 5.99
CA LEU C 244 4.16 8.16 6.22
C LEU C 244 4.19 7.11 5.12
N LEU C 245 4.25 7.54 3.86
CA LEU C 245 4.32 6.60 2.74
C LEU C 245 5.65 5.88 2.67
N ASP C 246 6.69 6.43 3.30
CA ASP C 246 8.00 5.79 3.32
C ASP C 246 8.14 4.78 4.45
N ASP C 247 7.44 4.98 5.56
CA ASP C 247 7.57 4.14 6.75
C ASP C 247 6.47 3.09 6.86
N LEU C 248 5.21 3.49 6.68
CA LEU C 248 4.10 2.55 6.81
C LEU C 248 4.16 1.49 5.72
N GLU C 249 3.69 0.29 6.07
CA GLU C 249 3.67 -0.85 5.16
C GLU C 249 2.22 -1.10 4.74
N PHE C 250 1.87 -0.62 3.55
CA PHE C 250 0.53 -0.74 3.01
C PHE C 250 0.58 -1.46 1.66
N ASN C 251 -0.54 -2.05 1.28
CA ASN C 251 -0.66 -2.61 -0.06
C ASN C 251 -1.08 -1.53 -1.07
N GLN C 252 -2.23 -0.92 -0.84
CA GLN C 252 -2.66 0.26 -1.60
C GLN C 252 -3.23 1.30 -0.64
N VAL C 253 -3.08 2.57 -1.01
CA VAL C 253 -3.49 3.69 -0.18
C VAL C 253 -4.34 4.64 -1.02
N ILE C 254 -5.39 5.19 -0.41
CA ILE C 254 -6.18 6.26 -1.00
C ILE C 254 -6.01 7.51 -0.13
N ILE C 255 -5.77 8.64 -0.77
CA ILE C 255 -5.49 9.90 -0.09
C ILE C 255 -6.55 10.92 -0.51
N PHE C 256 -7.31 11.42 0.46
CA PHE C 256 -8.44 12.30 0.20
C PHE C 256 -8.04 13.76 0.37
N VAL C 257 -8.40 14.60 -0.61
CA VAL C 257 -8.15 16.03 -0.59
C VAL C 257 -9.48 16.74 -0.78
N LYS C 258 -9.51 18.01 -0.37
CA LYS C 258 -10.76 18.77 -0.37
C LYS C 258 -11.04 19.54 -1.66
N SER C 259 -10.12 19.54 -2.62
CA SER C 259 -10.34 20.28 -3.85
C SER C 259 -9.63 19.60 -5.01
N THR C 260 -9.98 20.03 -6.22
CA THR C 260 -9.42 19.45 -7.43
C THR C 260 -8.00 19.96 -7.70
N THR C 261 -7.75 21.25 -7.47
CA THR C 261 -6.42 21.80 -7.69
C THR C 261 -5.40 21.13 -6.79
N ARG C 262 -5.76 20.91 -5.53
CA ARG C 262 -4.85 20.29 -4.57
C ARG C 262 -4.67 18.80 -4.87
N ALA C 263 -5.67 18.17 -5.50
CA ALA C 263 -5.51 16.80 -5.98
C ALA C 263 -4.46 16.74 -7.08
N ASN C 264 -4.53 17.66 -8.03
CA ASN C 264 -3.57 17.67 -9.12
C ASN C 264 -2.19 18.06 -8.61
N GLU C 265 -2.12 18.97 -7.63
CA GLU C 265 -0.83 19.43 -7.13
C GLU C 265 -0.16 18.37 -6.27
N LEU C 266 -0.93 17.65 -5.45
CA LEU C 266 -0.35 16.58 -4.63
C LEU C 266 0.13 15.42 -5.49
N THR C 267 -0.66 15.05 -6.50
CA THR C 267 -0.28 13.94 -7.36
C THR C 267 0.99 14.23 -8.14
N LYS C 268 1.18 15.50 -8.53
CA LYS C 268 2.39 15.87 -9.26
C LYS C 268 3.62 15.79 -8.36
N LEU C 269 3.49 16.18 -7.09
CA LEU C 269 4.65 16.15 -6.20
C LEU C 269 5.00 14.72 -5.79
N LEU C 270 4.01 13.83 -5.67
CA LEU C 270 4.30 12.44 -5.38
C LEU C 270 5.00 11.76 -6.55
N ASN C 271 4.52 11.99 -7.77
CA ASN C 271 5.16 11.40 -8.94
C ASN C 271 6.56 11.95 -9.16
N ALA C 272 6.80 13.21 -8.78
CA ALA C 272 8.14 13.77 -8.93
C ALA C 272 9.11 13.20 -7.91
N SER C 273 8.61 12.79 -6.73
CA SER C 273 9.45 12.22 -5.69
C SER C 273 9.37 10.69 -5.67
N ASN C 274 9.11 10.10 -6.83
CA ASN C 274 9.05 8.65 -7.03
C ASN C 274 8.04 7.97 -6.10
N PHE C 275 6.85 8.57 -5.98
CA PHE C 275 5.68 7.93 -5.40
C PHE C 275 4.67 7.83 -6.54
N PRO C 276 4.78 6.80 -7.38
CA PRO C 276 3.89 6.71 -8.56
C PRO C 276 2.44 6.64 -8.12
N ALA C 277 1.67 7.64 -8.55
CA ALA C 277 0.29 7.79 -8.11
C ALA C 277 -0.56 8.31 -9.27
N ILE C 278 -1.86 8.08 -9.15
CA ILE C 278 -2.85 8.61 -10.07
C ILE C 278 -3.83 9.45 -9.26
N THR C 279 -4.63 10.24 -9.97
CA THR C 279 -5.64 11.06 -9.32
C THR C 279 -6.94 11.00 -10.12
N VAL C 280 -8.05 10.95 -9.40
CA VAL C 280 -9.38 10.92 -9.99
C VAL C 280 -10.23 11.97 -9.29
N HIS C 281 -10.91 12.80 -10.08
CA HIS C 281 -11.78 13.86 -9.55
C HIS C 281 -12.63 14.37 -10.69
N GLY C 282 -13.53 15.30 -10.37
CA GLY C 282 -14.24 16.04 -11.39
C GLY C 282 -13.29 16.96 -12.13
N HIS C 283 -13.89 17.81 -12.97
CA HIS C 283 -13.15 18.79 -13.77
C HIS C 283 -12.14 18.11 -14.70
N MET C 284 -12.31 16.81 -14.91
CA MET C 284 -11.45 15.98 -15.72
C MET C 284 -12.31 15.23 -16.72
N LYS C 285 -11.81 15.05 -17.93
CA LYS C 285 -12.55 14.27 -18.93
C LYS C 285 -12.54 12.80 -18.55
N GLN C 286 -13.71 12.16 -18.70
CA GLN C 286 -13.95 10.86 -18.06
C GLN C 286 -13.08 9.75 -18.65
N GLU C 287 -12.70 9.85 -19.93
CA GLU C 287 -11.82 8.85 -20.50
C GLU C 287 -10.56 8.70 -19.66
N GLU C 288 -10.08 9.81 -19.09
CA GLU C 288 -8.95 9.77 -18.18
C GLU C 288 -9.38 9.30 -16.79
N ARG C 289 -10.58 9.70 -16.33
CA ARG C 289 -11.09 9.20 -15.05
C ARG C 289 -11.19 7.68 -15.05
N ILE C 290 -11.67 7.10 -16.13
CA ILE C 290 -11.81 5.65 -16.20
C ILE C 290 -10.44 4.99 -16.35
N ALA C 291 -9.56 5.60 -17.16
CA ALA C 291 -8.23 5.02 -17.37
C ALA C 291 -7.44 4.95 -16.06
N ARG C 292 -7.49 5.99 -15.24
CA ARG C 292 -6.78 5.95 -13.96
C ARG C 292 -7.53 5.14 -12.92
N TYR C 293 -8.87 5.13 -12.97
CA TYR C 293 -9.63 4.27 -12.07
C TYR C 293 -9.26 2.81 -12.27
N LYS C 294 -9.15 2.37 -13.52
CA LYS C 294 -8.77 0.98 -13.78
C LYS C 294 -7.31 0.73 -13.44
N ALA C 295 -6.44 1.71 -13.69
CA ALA C 295 -5.02 1.55 -13.37
C ALA C 295 -4.84 1.34 -11.87
N PHE C 296 -5.61 2.04 -11.05
CA PHE C 296 -5.54 1.85 -9.61
C PHE C 296 -6.26 0.57 -9.18
N LYS C 297 -7.40 0.26 -9.81
CA LYS C 297 -8.12 -0.96 -9.46
C LYS C 297 -7.30 -2.19 -9.85
N ASP C 298 -6.60 -2.13 -10.97
CA ASP C 298 -5.83 -3.26 -11.48
C ASP C 298 -4.39 -3.27 -10.95
N PHE C 299 -4.12 -2.55 -9.86
CA PHE C 299 -2.87 -2.67 -9.11
C PHE C 299 -1.64 -2.27 -9.93
N GLU C 300 -1.80 -1.33 -10.87
CA GLU C 300 -0.62 -0.84 -11.58
C GLU C 300 0.05 0.29 -10.83
N LYS C 301 -0.69 0.98 -9.97
CA LYS C 301 -0.11 1.96 -9.06
C LYS C 301 -0.75 1.82 -7.69
N ARG C 302 0.08 2.00 -6.67
CA ARG C 302 -0.28 1.72 -5.29
C ARG C 302 -0.88 2.91 -4.57
N ILE C 303 -0.86 4.09 -5.18
CA ILE C 303 -1.28 5.32 -4.51
C ILE C 303 -2.35 5.98 -5.37
N CYS C 304 -3.43 6.42 -4.72
CA CYS C 304 -4.49 7.16 -5.38
C CYS C 304 -4.85 8.38 -4.55
N VAL C 305 -4.81 9.54 -5.19
CA VAL C 305 -5.22 10.80 -4.58
C VAL C 305 -6.53 11.20 -5.21
N SER C 306 -7.55 11.44 -4.40
CA SER C 306 -8.85 11.75 -4.99
C SER C 306 -9.66 12.61 -4.05
N THR C 307 -10.70 13.22 -4.63
CA THR C 307 -11.67 14.01 -3.88
C THR C 307 -12.73 13.07 -3.32
N ASP C 308 -13.88 13.62 -2.93
CA ASP C 308 -14.93 12.73 -2.44
C ASP C 308 -15.58 11.92 -3.57
N VAL C 309 -15.07 12.00 -4.79
CA VAL C 309 -15.55 11.14 -5.86
C VAL C 309 -15.33 9.67 -5.52
N PHE C 310 -14.32 9.38 -4.71
CA PHE C 310 -14.07 8.03 -4.21
C PHE C 310 -14.37 7.90 -2.71
N GLY C 311 -15.02 8.91 -2.12
CA GLY C 311 -15.27 8.87 -0.68
C GLY C 311 -16.27 7.82 -0.27
N ARG C 312 -17.24 7.52 -1.13
CA ARG C 312 -18.31 6.59 -0.82
C ARG C 312 -18.32 5.43 -1.81
N GLY C 313 -18.73 4.26 -1.32
CA GLY C 313 -19.10 3.15 -2.18
C GLY C 313 -17.95 2.42 -2.84
N ILE C 314 -16.93 3.16 -3.28
CA ILE C 314 -15.83 2.54 -4.01
C ILE C 314 -15.16 1.50 -3.14
N ASP C 315 -15.02 0.28 -3.67
CA ASP C 315 -14.49 -0.86 -2.94
C ASP C 315 -13.29 -1.43 -3.68
N ILE C 316 -12.11 -1.21 -3.13
CA ILE C 316 -10.88 -1.80 -3.62
C ILE C 316 -10.29 -2.58 -2.45
N GLU C 317 -10.25 -3.91 -2.59
CA GLU C 317 -9.93 -4.79 -1.47
C GLU C 317 -8.47 -4.70 -1.05
N ARG C 318 -7.59 -4.24 -1.93
CA ARG C 318 -6.18 -4.08 -1.57
C ARG C 318 -5.91 -2.81 -0.78
N ILE C 319 -6.92 -1.96 -0.57
CA ILE C 319 -6.72 -0.72 0.19
C ILE C 319 -6.80 -1.06 1.68
N ASN C 320 -5.65 -0.96 2.36
CA ASN C 320 -5.59 -1.11 3.81
C ASN C 320 -5.08 0.14 4.49
N LEU C 321 -4.97 1.26 3.77
CA LEU C 321 -4.52 2.53 4.33
C LEU C 321 -5.31 3.66 3.67
N ALA C 322 -6.02 4.44 4.48
CA ALA C 322 -6.74 5.62 4.04
C ALA C 322 -6.22 6.82 4.80
N ILE C 323 -5.86 7.87 4.07
CA ILE C 323 -5.27 9.07 4.66
C ILE C 323 -6.14 10.26 4.33
N ASN C 324 -6.63 10.95 5.37
CA ASN C 324 -7.37 12.20 5.21
C ASN C 324 -6.37 13.34 5.15
N TYR C 325 -5.88 13.64 3.95
CA TYR C 325 -5.01 14.79 3.77
C TYR C 325 -5.75 16.07 4.14
N ASP C 326 -7.05 16.13 3.83
CA ASP C 326 -7.95 17.16 4.31
C ASP C 326 -9.12 16.49 5.01
N LEU C 327 -9.46 16.96 6.21
CA LEU C 327 -10.59 16.39 6.93
C LEU C 327 -11.91 16.89 6.35
N THR C 328 -12.99 16.17 6.66
CA THR C 328 -14.30 16.50 6.15
C THR C 328 -14.94 17.61 6.97
N ASN C 329 -16.08 18.11 6.47
CA ASN C 329 -16.87 19.09 7.21
C ASN C 329 -17.82 18.45 8.21
N GLU C 330 -18.25 17.22 7.93
CA GLU C 330 -19.21 16.51 8.77
C GLU C 330 -18.64 15.14 9.12
N ALA C 331 -19.26 14.50 10.11
CA ALA C 331 -18.77 13.19 10.54
C ALA C 331 -19.16 12.08 9.56
N ASP C 332 -20.32 12.20 8.91
CA ASP C 332 -20.80 11.14 8.03
C ASP C 332 -19.81 10.86 6.90
N GLN C 333 -19.32 11.92 6.24
CA GLN C 333 -18.40 11.74 5.12
C GLN C 333 -17.07 11.14 5.58
N TYR C 334 -16.64 11.44 6.82
CA TYR C 334 -15.42 10.85 7.34
C TYR C 334 -15.54 9.33 7.45
N LEU C 335 -16.70 8.84 7.93
CA LEU C 335 -16.86 7.40 8.13
C LEU C 335 -16.87 6.66 6.80
N HIS C 336 -17.48 7.26 5.77
CA HIS C 336 -17.44 6.65 4.45
C HIS C 336 -16.02 6.66 3.89
N ARG C 337 -15.28 7.75 4.14
CA ARG C 337 -13.91 7.86 3.65
C ARG C 337 -13.03 6.74 4.21
N VAL C 338 -12.92 6.66 5.54
CA VAL C 338 -12.10 5.62 6.14
C VAL C 338 -12.68 4.24 5.87
N GLY C 339 -13.96 4.15 5.54
CA GLY C 339 -14.56 2.89 5.16
C GLY C 339 -14.02 2.29 3.88
N ARG C 340 -13.27 3.07 3.09
CA ARG C 340 -12.66 2.55 1.88
C ARG C 340 -11.56 1.53 2.16
N ALA C 341 -11.05 1.50 3.39
CA ALA C 341 -10.00 0.58 3.79
C ALA C 341 -10.55 -0.49 4.73
N GLY C 342 -9.94 -1.67 4.68
CA GLY C 342 -10.37 -2.78 5.50
C GLY C 342 -11.76 -3.25 5.15
N ARG C 343 -12.01 -3.46 3.86
CA ARG C 343 -13.34 -3.81 3.39
C ARG C 343 -13.71 -5.22 3.82
N PHE C 344 -14.99 -5.43 4.13
CA PHE C 344 -15.51 -6.71 4.62
C PHE C 344 -14.80 -7.13 5.91
N GLY C 345 -14.71 -6.19 6.85
CA GLY C 345 -14.21 -6.49 8.17
C GLY C 345 -12.76 -6.92 8.24
N THR C 346 -11.94 -6.57 7.26
CA THR C 346 -10.53 -6.89 7.34
C THR C 346 -9.79 -5.76 8.04
N LYS C 347 -8.50 -5.95 8.25
CA LYS C 347 -7.70 -4.98 8.98
C LYS C 347 -7.29 -3.83 8.06
N GLY C 348 -7.23 -2.64 8.63
CA GLY C 348 -6.93 -1.45 7.87
C GLY C 348 -6.38 -0.39 8.79
N LEU C 349 -5.92 0.71 8.18
CA LEU C 349 -5.29 1.79 8.92
C LEU C 349 -5.76 3.12 8.37
N ALA C 350 -6.20 4.01 9.26
CA ALA C 350 -6.70 5.33 8.89
C ALA C 350 -5.93 6.40 9.66
N ILE C 351 -5.48 7.43 8.94
CA ILE C 351 -4.75 8.55 9.52
C ILE C 351 -5.31 9.85 8.93
N SER C 352 -5.67 10.79 9.79
CA SER C 352 -6.24 12.07 9.37
C SER C 352 -5.34 13.22 9.80
N PHE C 353 -5.25 14.22 8.94
CA PHE C 353 -4.49 15.44 9.24
C PHE C 353 -5.41 16.49 9.83
N VAL C 354 -5.05 17.00 11.01
CA VAL C 354 -5.80 18.05 11.69
C VAL C 354 -4.95 19.31 11.63
N SER C 355 -5.35 20.27 10.80
CA SER C 355 -4.55 21.46 10.55
C SER C 355 -5.29 22.76 10.84
N SER C 356 -6.50 22.70 11.40
CA SER C 356 -7.27 23.90 11.70
C SER C 356 -8.23 23.58 12.83
N LYS C 357 -8.99 24.59 13.25
CA LYS C 357 -9.87 24.41 14.39
C LYS C 357 -11.18 23.78 13.99
N GLU C 358 -11.62 24.05 12.76
CA GLU C 358 -12.74 23.29 12.22
C GLU C 358 -12.41 21.82 12.06
N ASP C 359 -11.11 21.49 11.92
CA ASP C 359 -10.72 20.08 11.90
C ASP C 359 -10.82 19.46 13.29
N GLU C 360 -10.51 20.23 14.34
CA GLU C 360 -10.65 19.69 15.69
C GLU C 360 -12.11 19.60 16.11
N GLU C 361 -12.94 20.52 15.59
CA GLU C 361 -14.37 20.45 15.84
C GLU C 361 -14.99 19.26 15.13
N VAL C 362 -14.56 18.99 13.90
CA VAL C 362 -15.09 17.84 13.17
C VAL C 362 -14.56 16.55 13.77
N LEU C 363 -13.29 16.53 14.16
CA LEU C 363 -12.73 15.38 14.84
C LEU C 363 -13.41 15.13 16.18
N ALA C 364 -13.77 16.20 16.88
CA ALA C 364 -14.51 16.04 18.13
C ALA C 364 -15.87 15.40 17.88
N LYS C 365 -16.56 15.79 16.80
CA LYS C 365 -17.91 15.30 16.58
C LYS C 365 -17.95 13.92 15.95
N ILE C 366 -16.82 13.47 15.40
CA ILE C 366 -16.73 12.09 14.91
C ILE C 366 -16.69 11.13 16.08
N GLN C 367 -15.92 11.48 17.12
CA GLN C 367 -15.72 10.59 18.26
C GLN C 367 -16.98 10.43 19.09
N GLU C 368 -17.71 11.52 19.32
CA GLU C 368 -19.00 11.45 20.02
C GLU C 368 -20.01 10.61 19.23
N ARG C 369 -20.11 10.84 17.92
CA ARG C 369 -21.21 10.26 17.16
C ARG C 369 -21.09 8.75 17.06
N PHE C 370 -19.88 8.23 16.86
CA PHE C 370 -19.69 6.80 16.63
C PHE C 370 -19.05 6.11 17.83
N ASP C 371 -18.94 6.80 18.96
CA ASP C 371 -18.25 6.32 20.17
C ASP C 371 -16.96 5.59 19.82
N VAL C 372 -16.10 6.28 19.08
CA VAL C 372 -14.76 5.82 18.76
C VAL C 372 -13.80 6.93 19.12
N LYS C 373 -12.71 6.59 19.80
CA LYS C 373 -11.70 7.57 20.18
C LYS C 373 -10.48 7.44 19.27
N ILE C 374 -10.26 8.48 18.48
CA ILE C 374 -9.19 8.56 17.49
C ILE C 374 -7.91 8.93 18.23
N ALA C 375 -7.06 7.93 18.46
CA ALA C 375 -5.82 8.18 19.19
C ALA C 375 -4.89 9.06 18.35
N GLU C 376 -4.01 9.77 19.05
CA GLU C 376 -3.00 10.55 18.39
C GLU C 376 -1.89 9.63 17.90
N PHE C 377 -1.50 9.80 16.64
CA PHE C 377 -0.49 8.96 16.03
C PHE C 377 0.82 9.06 16.81
N PRO C 378 1.35 7.95 17.33
CA PRO C 378 2.55 8.03 18.16
C PRO C 378 3.73 8.58 17.37
N GLU C 379 4.53 9.42 18.02
CA GLU C 379 5.65 10.04 17.33
C GLU C 379 6.70 9.02 16.90
N GLU C 380 6.76 7.86 17.55
CA GLU C 380 7.65 6.78 17.14
C GLU C 380 7.06 5.90 16.06
N GLY C 381 5.82 6.16 15.64
CA GLY C 381 5.15 5.32 14.68
C GLY C 381 4.60 4.05 15.32
N ILE C 382 3.87 3.28 14.52
CA ILE C 382 3.23 2.07 15.00
C ILE C 382 3.81 0.87 14.26
N ASP C 383 3.78 -0.27 14.94
CA ASP C 383 4.25 -1.52 14.35
C ASP C 383 3.30 -1.98 13.25
N PRO C 384 3.82 -2.47 12.12
CA PRO C 384 2.95 -2.97 11.04
C PRO C 384 2.05 -4.14 11.44
N SER C 385 2.41 -4.91 12.47
CA SER C 385 1.60 -6.08 12.81
C SER C 385 0.22 -5.69 13.32
N THR C 386 0.10 -4.52 13.96
CA THR C 386 -1.17 -4.10 14.54
C THR C 386 -2.22 -3.76 13.50
N TYR C 387 -1.88 -3.77 12.21
CA TYR C 387 -2.86 -3.57 11.16
C TYR C 387 -2.60 -4.52 9.99
N LEU C 388 -2.05 -5.69 10.28
CA LEU C 388 -1.86 -6.73 9.28
C LEU C 388 -2.69 -7.95 9.66
N ALA D 14 26.68 -6.96 -35.67
CA ALA D 14 26.19 -7.66 -36.85
C ALA D 14 25.03 -8.59 -36.50
N LYS D 15 24.86 -9.64 -37.30
CA LYS D 15 23.71 -10.52 -37.18
C LYS D 15 24.16 -11.95 -36.89
N LYS D 16 23.33 -12.68 -36.16
CA LYS D 16 23.61 -14.06 -35.79
C LYS D 16 22.75 -14.99 -36.65
N SER D 17 23.37 -16.07 -37.12
CA SER D 17 22.66 -17.11 -37.85
C SER D 17 21.99 -18.08 -36.88
N LEU D 18 21.06 -18.87 -37.41
CA LEU D 18 20.46 -19.94 -36.61
C LEU D 18 21.54 -20.80 -35.97
N GLU D 19 22.66 -21.00 -36.67
CA GLU D 19 23.71 -21.87 -36.17
C GLU D 19 24.60 -21.16 -35.16
N ASP D 20 24.65 -19.82 -35.21
CA ASP D 20 25.28 -19.07 -34.13
C ASP D 20 24.46 -19.16 -32.84
N LEU D 21 23.14 -19.22 -32.95
CA LEU D 21 22.30 -19.31 -31.76
C LEU D 21 22.37 -20.71 -31.14
N ASP D 22 22.49 -21.73 -31.97
CA ASP D 22 22.67 -23.08 -31.47
C ASP D 22 24.03 -23.26 -30.82
N LYS D 23 25.08 -22.68 -31.41
CA LYS D 23 26.41 -22.80 -30.83
C LYS D 23 26.52 -21.95 -29.57
N GLU D 24 25.80 -20.82 -29.54
CA GLU D 24 25.72 -19.98 -28.36
C GLU D 24 25.13 -20.74 -27.18
N MET D 25 24.02 -21.45 -27.41
CA MET D 25 23.36 -22.17 -26.32
C MET D 25 24.13 -23.44 -25.97
N ALA D 26 24.86 -24.01 -26.91
CA ALA D 26 25.74 -25.13 -26.58
C ALA D 26 26.88 -24.68 -25.67
N ASP D 27 27.50 -23.55 -26.00
CA ASP D 27 28.58 -23.02 -25.17
C ASP D 27 28.09 -22.61 -23.79
N TYR D 28 26.84 -22.14 -23.69
CA TYR D 28 26.30 -21.74 -22.39
C TYR D 28 26.21 -22.92 -21.43
N PHE D 29 25.86 -24.10 -21.95
CA PHE D 29 25.71 -25.30 -21.14
C PHE D 29 27.00 -26.08 -20.97
N GLU D 30 28.09 -25.63 -21.57
CA GLU D 30 29.36 -26.35 -21.50
C GLU D 30 30.53 -25.41 -21.26
N ALA E 14 28.76 26.28 54.85
CA ALA E 14 29.01 27.57 54.21
C ALA E 14 28.75 27.49 52.70
N LYS E 15 27.64 26.84 52.32
CA LYS E 15 27.26 26.67 50.93
C LYS E 15 25.79 27.05 50.78
N LYS E 16 25.42 27.50 49.58
CA LYS E 16 24.12 28.14 49.39
C LYS E 16 22.96 27.17 49.57
N SER E 17 21.90 27.67 50.20
CA SER E 17 20.63 26.99 50.33
C SER E 17 19.77 27.15 49.08
N LEU E 18 18.82 26.22 48.93
CA LEU E 18 17.79 26.32 47.90
C LEU E 18 17.03 27.65 48.00
N GLU E 19 16.78 28.15 49.24
CA GLU E 19 16.35 29.54 49.54
C GLU E 19 16.94 30.58 48.64
N ASP E 20 18.26 30.74 48.80
CA ASP E 20 19.06 31.78 48.19
C ASP E 20 19.21 31.60 46.70
N LEU E 21 19.13 30.36 46.19
CA LEU E 21 19.31 30.23 44.76
C LEU E 21 18.15 30.86 43.99
N ASP E 22 16.96 30.83 44.57
CA ASP E 22 15.86 31.58 43.96
C ASP E 22 16.12 33.07 44.05
N LYS E 23 16.71 33.52 45.17
CA LYS E 23 16.96 34.94 45.34
C LYS E 23 18.06 35.47 44.43
N GLU E 24 19.11 34.68 44.18
CA GLU E 24 20.13 35.11 43.23
C GLU E 24 19.56 35.23 41.81
N MET E 25 18.71 34.28 41.40
CA MET E 25 18.17 34.33 40.05
C MET E 25 17.11 35.42 39.91
N ALA E 26 16.42 35.77 41.00
CA ALA E 26 15.53 36.91 40.96
C ALA E 26 16.33 38.20 40.77
N ASP E 27 17.42 38.33 41.51
CA ASP E 27 18.29 39.50 41.37
C ASP E 27 18.95 39.55 40.00
N TYR E 28 19.24 38.38 39.41
CA TYR E 28 19.91 38.33 38.12
C TYR E 28 19.06 38.94 37.02
N PHE E 29 17.75 38.73 37.07
CA PHE E 29 16.88 39.19 35.99
C PHE E 29 16.44 40.64 36.15
N GLU E 30 16.78 41.29 37.26
CA GLU E 30 16.74 42.75 37.39
C GLU E 30 17.28 43.18 38.74
N LYS F 16 -35.75 24.90 -6.94
CA LYS F 16 -37.11 24.84 -6.47
C LYS F 16 -36.91 24.99 -4.94
N SER F 17 -37.96 25.30 -4.19
CA SER F 17 -37.83 25.31 -2.76
C SER F 17 -37.91 23.88 -2.26
N LEU F 18 -37.25 23.63 -1.13
CA LEU F 18 -37.13 22.25 -0.67
C LEU F 18 -38.48 21.57 -0.66
N GLU F 19 -39.50 22.30 -0.28
CA GLU F 19 -40.77 21.69 0.02
C GLU F 19 -41.67 21.80 -1.18
N ASP F 20 -41.36 22.78 -2.05
CA ASP F 20 -41.90 22.77 -3.40
C ASP F 20 -41.57 21.46 -4.05
N LEU F 21 -40.42 20.87 -3.66
CA LEU F 21 -40.05 19.55 -4.16
C LEU F 21 -40.92 18.49 -3.50
N ASP F 22 -41.28 18.70 -2.23
CA ASP F 22 -42.12 17.72 -1.50
C ASP F 22 -43.55 17.66 -2.04
N LYS F 23 -44.12 18.80 -2.43
CA LYS F 23 -45.47 18.77 -2.97
C LYS F 23 -45.45 18.05 -4.31
N GLU F 24 -44.32 18.09 -5.00
CA GLU F 24 -44.13 17.31 -6.22
C GLU F 24 -44.33 15.83 -5.95
N MET F 25 -43.63 15.32 -4.93
CA MET F 25 -43.73 13.91 -4.60
C MET F 25 -45.04 13.58 -3.91
N ALA F 26 -45.66 14.56 -3.28
CA ALA F 26 -46.99 14.31 -2.74
C ALA F 26 -48.00 14.10 -3.87
N ASP F 27 -48.10 15.05 -4.80
CA ASP F 27 -49.12 14.89 -5.83
C ASP F 27 -48.88 13.61 -6.63
N TYR F 28 -47.63 13.16 -6.72
CA TYR F 28 -47.35 11.88 -7.38
C TYR F 28 -47.98 10.71 -6.61
N PHE F 29 -47.92 10.75 -5.28
CA PHE F 29 -48.47 9.68 -4.45
C PHE F 29 -49.92 9.90 -4.08
N GLU F 30 -50.45 11.10 -4.33
CA GLU F 30 -51.77 11.50 -3.89
C GLU F 30 -52.70 11.84 -5.05
#